data_4YW9
#
_entry.id   4YW9
#
_cell.length_a   44.407
_cell.length_b   118.742
_cell.length_c   60.248
_cell.angle_alpha   90.00
_cell.angle_beta   110.02
_cell.angle_gamma   90.00
#
_symmetry.space_group_name_H-M   'P 1 21 1'
#
loop_
_entity.id
_entity.type
_entity.pdbx_description
1 polymer 'Phosphoenolpyruvate carboxykinase, cytosolic [GTP]'
2 non-polymer "GUANOSINE-5'-TRIPHOSPHATE"
3 non-polymer 'MANGANESE (II) ION'
4 non-polymer 'SODIUM ION'
5 non-polymer '3-sulfanylpyridine-2-carboxylic acid'
6 non-polymer METHANOL
7 non-polymer 'PENTAETHYLENE GLYCOL'
8 water water
#
_entity_poly.entity_id   1
_entity_poly.type   'polypeptide(L)'
_entity_poly.pdbx_seq_one_letter_code
;GSMPPQLHNGLDFSAKVIQGSLDSLPQEVRKFVEGNAQLCQPEYIHICDGSEEEYGRLLAHMQEEGVIRKLKKYDNCWLA
LTDPRDVARIESKTVIITQEQRDTVPIPKSGQSQLGRWMSEEDFEKAFNARFPGCMKGRTMYVIPFSMGPLGSPLAKIGI
ELTDSPYVVASMRIMTRMGTSVLEALGDGEFIKCLHSVGCPLPLKKPLVNNWACNPELTLIAHLPDRREIISFGSGYGGN
SLLGKKCFALRIASRLAKEEGWLAEHMLILGITNPEGKKKYLAAAFPSACGKTNLAMMNPTLPGWKVECVGDDIAWMKFD
AQGNLRAINPENGFFGVAPGTSVKTNPNAIKTIQKNTIFTNVAETSDGGVYWEGIDEPLAPGVTITSWKNKEWRPQDEEP
CAHPNSRFCTPASQCPIIDPAWESPEGVPIEGIIFGGRRPAGVPLVYEALSWQHGVFVGAAMRSEATAAAEHKGKVIMHD
PFAMRPFFGYNFGKYLAHWLSMAHRPAAKLPKIFHVNWFRKDKNGKFLWPGFGENSRVLEWMFGRIEGEDSAKLTPIGYV
PKEDALNLKGLGDVNVEELFGISKEFWEKEVEEIDKYLEDQVNADLPYEIERELRALKQRISQM
;
_entity_poly.pdbx_strand_id   A
#
loop_
_chem_comp.id
_chem_comp.type
_chem_comp.name
_chem_comp.formula
1PE non-polymer 'PENTAETHYLENE GLYCOL' 'C10 H22 O6'
1WD non-polymer '3-sulfanylpyridine-2-carboxylic acid' 'C6 H5 N O2 S'
GTP non-polymer GUANOSINE-5'-TRIPHOSPHATE 'C10 H16 N5 O14 P3'
MN non-polymer 'MANGANESE (II) ION' 'Mn 2'
MOH non-polymer METHANOL 'C H4 O'
NA non-polymer 'SODIUM ION' 'Na 1'
#
# COMPACT_ATOMS: atom_id res chain seq x y z
N GLY A 1 -10.12 2.37 31.73
CA GLY A 1 -11.33 3.22 31.95
C GLY A 1 -12.19 2.66 33.09
N SER A 2 -13.21 3.42 33.46
CA SER A 2 -14.11 3.03 34.54
C SER A 2 -15.17 2.05 34.05
N MET A 3 -15.68 1.22 34.97
CA MET A 3 -16.73 0.26 34.62
C MET A 3 -18.00 1.04 34.29
N PRO A 4 -18.72 0.62 33.24
CA PRO A 4 -19.97 1.33 32.97
C PRO A 4 -20.99 1.10 34.09
N PRO A 5 -21.79 2.14 34.44
CA PRO A 5 -22.90 1.79 35.31
C PRO A 5 -23.76 0.82 34.57
N GLN A 6 -24.61 0.13 35.31
CA GLN A 6 -25.54 -0.81 34.71
C GLN A 6 -26.56 -1.20 35.79
N LEU A 7 -27.77 -1.50 35.32
CA LEU A 7 -28.81 -2.02 36.18
C LEU A 7 -28.77 -3.54 36.25
N HIS A 8 -28.04 -4.15 35.30
CA HIS A 8 -27.84 -5.60 35.31
C HIS A 8 -26.36 -5.92 35.19
N ASN A 9 -25.99 -6.81 34.28
CA ASN A 9 -24.63 -7.32 34.24
C ASN A 9 -24.11 -7.46 32.83
N GLY A 10 -24.70 -6.75 31.87
CA GLY A 10 -24.39 -6.96 30.46
C GLY A 10 -23.47 -5.93 29.81
N LEU A 11 -23.13 -4.89 30.54
CA LEU A 11 -22.34 -3.80 29.95
C LEU A 11 -20.84 -3.86 30.28
N ASP A 12 -20.50 -4.31 31.48
CA ASP A 12 -19.12 -4.46 31.93
C ASP A 12 -18.55 -5.80 31.46
N PHE A 13 -17.59 -5.75 30.54
CA PHE A 13 -17.01 -6.97 29.96
C PHE A 13 -15.78 -7.48 30.69
N SER A 14 -15.48 -6.94 31.86
CA SER A 14 -14.27 -7.31 32.60
C SER A 14 -14.09 -8.83 32.80
N ALA A 15 -15.18 -9.54 33.12
CA ALA A 15 -15.12 -10.98 33.34
C ALA A 15 -14.70 -11.83 32.14
N LYS A 16 -14.82 -11.25 30.93
CA LYS A 16 -14.45 -11.90 29.67
CA LYS A 16 -14.44 -11.94 29.69
C LYS A 16 -13.04 -11.57 29.19
N VAL A 17 -12.29 -10.80 29.96
CA VAL A 17 -10.95 -10.40 29.53
C VAL A 17 -9.95 -11.50 29.90
N ILE A 18 -9.28 -12.06 28.90
CA ILE A 18 -8.35 -13.15 29.08
C ILE A 18 -6.88 -12.74 28.96
N GLN A 19 -6.66 -11.51 28.54
CA GLN A 19 -5.36 -10.90 28.67
C GLN A 19 -5.52 -9.41 28.78
N GLY A 20 -4.83 -8.82 29.76
CA GLY A 20 -4.89 -7.39 29.98
C GLY A 20 -5.95 -7.00 30.98
N SER A 21 -6.31 -5.73 30.97
CA SER A 21 -7.30 -5.19 31.86
C SER A 21 -8.02 -4.00 31.21
N LEU A 22 -9.35 -4.04 31.23
CA LEU A 22 -10.13 -2.90 30.80
C LEU A 22 -9.89 -1.67 31.65
N ASP A 23 -9.63 -1.88 32.95
CA ASP A 23 -9.38 -0.78 33.89
C ASP A 23 -8.08 -0.02 33.56
N SER A 24 -7.11 -0.72 32.96
CA SER A 24 -5.82 -0.09 32.66
C SER A 24 -5.83 0.67 31.33
N LEU A 25 -6.84 0.40 30.46
CA LEU A 25 -6.97 1.13 29.19
C LEU A 25 -7.31 2.59 29.36
N PRO A 26 -6.84 3.44 28.44
CA PRO A 26 -7.32 4.82 28.46
C PRO A 26 -8.82 4.87 28.29
N GLN A 27 -9.48 5.85 28.89
CA GLN A 27 -10.93 5.88 28.93
C GLN A 27 -11.59 5.68 27.56
N GLU A 28 -11.14 6.40 26.56
CA GLU A 28 -11.79 6.31 25.24
C GLU A 28 -11.48 4.98 24.58
N VAL A 29 -10.35 4.38 24.92
CA VAL A 29 -10.05 3.05 24.43
C VAL A 29 -10.97 2.01 25.05
N ARG A 30 -11.21 2.06 26.36
CA ARG A 30 -12.18 1.17 26.98
C ARG A 30 -13.55 1.30 26.33
N LYS A 31 -14.00 2.54 26.12
CA LYS A 31 -15.32 2.78 25.58
C LYS A 31 -15.45 2.15 24.24
N PHE A 32 -14.39 2.32 23.44
CA PHE A 32 -14.36 1.69 22.11
C PHE A 32 -14.40 0.17 22.18
N VAL A 33 -13.59 -0.44 23.01
CA VAL A 33 -13.54 -1.89 23.15
C VAL A 33 -14.86 -2.42 23.69
N GLU A 34 -15.31 -1.84 24.80
CA GLU A 34 -16.49 -2.37 25.47
C GLU A 34 -17.75 -2.13 24.70
N GLY A 35 -17.84 -0.97 24.07
CA GLY A 35 -18.97 -0.70 23.18
C GLY A 35 -19.11 -1.70 22.06
N ASN A 36 -17.98 -2.00 21.42
CA ASN A 36 -18.06 -2.97 20.36
C ASN A 36 -18.17 -4.40 20.85
N ALA A 37 -17.69 -4.71 22.04
CA ALA A 37 -17.94 -5.99 22.66
C ALA A 37 -19.44 -6.18 22.94
N GLN A 38 -20.09 -5.11 23.40
CA GLN A 38 -21.54 -5.17 23.64
C GLN A 38 -22.25 -5.45 22.32
N LEU A 39 -21.80 -4.80 21.24
CA LEU A 39 -22.40 -5.03 19.91
C LEU A 39 -22.12 -6.40 19.35
N CYS A 40 -20.84 -6.78 19.29
CA CYS A 40 -20.42 -7.97 18.57
C CYS A 40 -20.53 -9.28 19.34
N GLN A 41 -20.59 -9.14 20.67
CA GLN A 41 -20.78 -10.27 21.57
CA GLN A 41 -20.79 -10.27 21.58
C GLN A 41 -19.68 -11.34 21.50
N PRO A 42 -18.40 -10.90 21.52
CA PRO A 42 -17.36 -11.92 21.60
C PRO A 42 -17.45 -12.74 22.92
N GLU A 43 -16.92 -13.93 22.89
CA GLU A 43 -16.84 -14.79 24.08
C GLU A 43 -15.75 -14.29 24.99
N TYR A 44 -14.65 -13.82 24.39
CA TYR A 44 -13.51 -13.33 25.17
CA TYR A 44 -13.47 -13.39 25.16
C TYR A 44 -12.94 -12.08 24.57
N ILE A 45 -12.19 -11.36 25.38
CA ILE A 45 -11.47 -10.18 24.95
C ILE A 45 -10.02 -10.37 25.32
N HIS A 46 -9.13 -10.20 24.35
CA HIS A 46 -7.71 -10.37 24.54
C HIS A 46 -7.06 -9.08 24.15
N ILE A 47 -6.50 -8.35 25.13
CA ILE A 47 -5.82 -7.09 24.86
C ILE A 47 -4.37 -7.45 24.53
N CYS A 48 -3.95 -7.21 23.28
CA CYS A 48 -2.68 -7.66 22.85
C CYS A 48 -1.57 -6.85 23.50
N ASP A 49 -0.50 -7.56 23.85
CA ASP A 49 0.68 -6.90 24.43
C ASP A 49 1.85 -6.78 23.46
N GLY A 50 1.74 -7.46 22.32
CA GLY A 50 2.80 -7.43 21.29
C GLY A 50 4.03 -8.25 21.62
N SER A 51 3.98 -9.02 22.69
CA SER A 51 5.15 -9.83 23.08
C SER A 51 5.41 -11.02 22.13
N GLU A 52 6.65 -11.48 22.14
CA GLU A 52 6.99 -12.67 21.40
C GLU A 52 6.25 -13.88 21.93
N GLU A 53 6.05 -13.97 23.24
CA GLU A 53 5.33 -15.09 23.82
C GLU A 53 3.89 -15.17 23.24
N GLU A 54 3.23 -14.01 23.25
CA GLU A 54 1.89 -13.88 22.71
C GLU A 54 1.83 -14.35 21.28
N TYR A 55 2.79 -13.90 20.48
CA TYR A 55 2.82 -14.23 19.05
C TYR A 55 3.04 -15.70 18.83
N GLY A 56 4.04 -16.24 19.52
CA GLY A 56 4.36 -17.66 19.40
C GLY A 56 3.21 -18.57 19.77
N ARG A 57 2.51 -18.24 20.83
CA ARG A 57 1.43 -19.13 21.26
CA ARG A 57 1.40 -19.06 21.32
C ARG A 57 0.22 -18.98 20.35
N LEU A 58 -0.03 -17.75 19.91
CA LEU A 58 -1.07 -17.50 18.91
C LEU A 58 -0.82 -18.28 17.64
N LEU A 59 0.42 -18.25 17.13
CA LEU A 59 0.70 -19.06 15.94
C LEU A 59 0.50 -20.56 16.22
N ALA A 60 0.96 -21.03 17.36
CA ALA A 60 0.86 -22.49 17.66
C ALA A 60 -0.60 -22.92 17.73
N HIS A 61 -1.42 -22.04 18.30
CA HIS A 61 -2.87 -22.19 18.34
C HIS A 61 -3.53 -22.25 16.97
N MET A 62 -3.17 -21.33 16.08
CA MET A 62 -3.66 -21.42 14.72
C MET A 62 -3.21 -22.69 14.06
N GLN A 63 -1.99 -23.12 14.36
CA GLN A 63 -1.45 -24.39 13.82
C GLN A 63 -2.28 -25.57 14.35
N GLU A 64 -2.56 -25.56 15.66
CA GLU A 64 -3.42 -26.59 16.30
C GLU A 64 -4.68 -26.78 15.45
N GLU A 65 -5.36 -25.65 15.21
CA GLU A 65 -6.64 -25.60 14.49
CA GLU A 65 -6.65 -25.65 14.50
C GLU A 65 -6.57 -25.89 12.99
N GLY A 66 -5.38 -25.86 12.41
CA GLY A 66 -5.25 -26.05 10.97
C GLY A 66 -5.65 -24.80 10.19
N VAL A 67 -5.64 -23.65 10.85
CA VAL A 67 -5.79 -22.36 10.17
C VAL A 67 -4.48 -21.93 9.47
N ILE A 68 -3.34 -22.20 10.09
CA ILE A 68 -2.06 -22.03 9.39
C ILE A 68 -1.25 -23.31 9.49
N ARG A 69 -0.27 -23.43 8.63
CA ARG A 69 0.69 -24.54 8.62
C ARG A 69 2.08 -23.97 8.78
N LYS A 70 2.92 -24.67 9.56
CA LYS A 70 4.29 -24.28 9.70
C LYS A 70 5.06 -24.74 8.48
N LEU A 71 5.92 -23.87 7.96
CA LEU A 71 6.78 -24.18 6.83
C LEU A 71 8.11 -24.64 7.39
N LYS A 72 8.28 -25.94 7.52
CA LYS A 72 9.43 -26.44 8.31
C LYS A 72 10.79 -26.25 7.66
N LYS A 73 10.85 -25.97 6.35
CA LYS A 73 12.10 -25.71 5.65
CA LYS A 73 12.12 -25.71 5.69
C LYS A 73 12.77 -24.43 6.17
N TYR A 74 11.95 -23.50 6.67
CA TYR A 74 12.44 -22.20 7.13
C TYR A 74 12.39 -21.96 8.64
N ASP A 75 12.85 -20.80 9.05
CA ASP A 75 12.91 -20.43 10.45
C ASP A 75 11.64 -19.66 10.83
N ASN A 76 10.71 -20.31 11.55
CA ASN A 76 9.50 -19.63 12.04
C ASN A 76 8.72 -18.94 10.94
N CYS A 77 8.44 -19.69 9.90
CA CYS A 77 7.60 -19.23 8.80
C CYS A 77 6.38 -20.10 8.70
N TRP A 78 5.33 -19.46 8.21
CA TRP A 78 3.99 -20.02 8.25
C TRP A 78 3.24 -19.75 6.98
N LEU A 79 2.26 -20.61 6.72
CA LEU A 79 1.46 -20.54 5.51
C LEU A 79 -0.03 -20.56 5.84
N ALA A 80 -0.78 -19.61 5.28
CA ALA A 80 -2.26 -19.58 5.33
C ALA A 80 -2.80 -19.72 3.93
N LEU A 81 -3.81 -20.54 3.75
CA LEU A 81 -4.53 -20.68 2.50
C LEU A 81 -5.95 -20.24 2.74
N THR A 82 -6.44 -19.35 1.90
CA THR A 82 -7.75 -18.74 2.09
C THR A 82 -8.85 -19.39 1.25
N ASP A 83 -10.09 -19.06 1.59
CA ASP A 83 -11.25 -19.31 0.72
C ASP A 83 -10.92 -18.57 -0.55
N PRO A 84 -11.05 -19.26 -1.71
CA PRO A 84 -10.75 -18.57 -2.98
C PRO A 84 -11.66 -17.37 -3.29
N ARG A 85 -12.72 -17.15 -2.51
CA ARG A 85 -13.57 -15.99 -2.66
C ARG A 85 -12.99 -14.80 -1.94
N ASP A 86 -11.97 -15.04 -1.11
CA ASP A 86 -11.37 -14.00 -0.29
C ASP A 86 -9.87 -13.93 -0.50
N VAL A 87 -9.47 -13.31 -1.60
CA VAL A 87 -8.10 -13.33 -2.08
C VAL A 87 -7.47 -11.95 -2.43
N ALA A 88 -8.29 -10.91 -2.38
CA ALA A 88 -7.85 -9.60 -2.78
C ALA A 88 -8.79 -8.52 -2.30
N ARG A 89 -8.35 -7.26 -2.45
CA ARG A 89 -9.24 -6.13 -2.30
C ARG A 89 -10.39 -6.24 -3.29
N ILE A 90 -11.56 -5.82 -2.80
CA ILE A 90 -12.78 -5.78 -3.61
C ILE A 90 -13.20 -4.32 -3.64
N GLU A 91 -12.83 -3.63 -4.69
CA GLU A 91 -13.12 -2.23 -4.84
CA GLU A 91 -13.12 -2.20 -4.79
C GLU A 91 -14.61 -1.90 -4.70
N SER A 92 -15.45 -2.75 -5.31
CA SER A 92 -16.85 -2.49 -5.31
C SER A 92 -17.51 -2.69 -3.96
N LYS A 93 -16.74 -3.13 -2.95
CA LYS A 93 -17.25 -3.35 -1.60
C LYS A 93 -16.42 -2.51 -0.63
N THR A 94 -15.74 -1.52 -1.20
CA THR A 94 -14.90 -0.57 -0.44
C THR A 94 -15.49 0.81 -0.60
N VAL A 95 -15.89 1.41 0.51
CA VAL A 95 -16.59 2.67 0.48
C VAL A 95 -16.05 3.68 1.47
N ILE A 96 -16.38 4.93 1.21
CA ILE A 96 -16.09 6.02 2.12
C ILE A 96 -17.39 6.77 2.37
N ILE A 97 -17.65 7.02 3.66
CA ILE A 97 -18.89 7.66 4.11
C ILE A 97 -18.60 9.08 4.48
N THR A 98 -19.33 10.01 3.89
CA THR A 98 -19.28 11.42 4.20
C THR A 98 -20.73 11.96 4.04
N GLN A 99 -20.99 13.10 4.66
CA GLN A 99 -22.34 13.67 4.58
CA GLN A 99 -22.30 13.75 4.58
C GLN A 99 -22.64 14.07 3.14
N GLU A 100 -21.64 14.59 2.41
CA GLU A 100 -21.79 14.98 1.00
CA GLU A 100 -21.83 14.91 0.99
C GLU A 100 -20.88 14.13 0.10
N GLN A 101 -21.45 13.59 -0.95
CA GLN A 101 -20.69 12.76 -1.89
C GLN A 101 -19.47 13.52 -2.42
N ARG A 102 -19.61 14.79 -2.71
CA ARG A 102 -18.54 15.53 -3.37
C ARG A 102 -17.28 15.65 -2.48
N ASP A 103 -17.42 15.44 -1.20
CA ASP A 103 -16.24 15.51 -0.38
C ASP A 103 -15.38 14.24 -0.59
N THR A 104 -16.03 13.17 -1.06
CA THR A 104 -15.39 11.85 -1.25
C THR A 104 -14.89 11.64 -2.66
N VAL A 105 -15.67 12.02 -3.68
CA VAL A 105 -15.28 11.88 -5.07
C VAL A 105 -15.80 13.12 -5.79
N PRO A 106 -15.09 13.57 -6.84
CA PRO A 106 -15.71 14.61 -7.64
C PRO A 106 -16.96 14.09 -8.34
N ILE A 107 -17.90 14.99 -8.57
CA ILE A 107 -19.12 14.61 -9.31
C ILE A 107 -18.74 14.61 -10.76
N PRO A 108 -18.78 13.43 -11.42
CA PRO A 108 -18.26 13.40 -12.77
C PRO A 108 -19.22 14.08 -13.76
N LYS A 109 -18.67 14.53 -14.87
CA LYS A 109 -19.43 15.30 -15.83
C LYS A 109 -20.48 14.40 -16.51
N SER A 110 -20.06 13.23 -16.93
CA SER A 110 -20.98 12.33 -17.69
C SER A 110 -21.10 10.92 -17.13
N GLY A 111 -20.04 10.42 -16.53
CA GLY A 111 -19.93 9.02 -16.18
C GLY A 111 -20.01 8.74 -14.68
N GLN A 112 -19.73 7.48 -14.38
CA GLN A 112 -19.67 6.99 -13.01
CA GLN A 112 -19.67 7.02 -13.02
C GLN A 112 -18.27 7.28 -12.50
N SER A 113 -18.15 7.75 -11.27
CA SER A 113 -16.83 7.98 -10.68
C SER A 113 -16.06 6.66 -10.55
N GLN A 114 -14.81 6.69 -11.00
CA GLN A 114 -13.79 5.64 -10.88
CA GLN A 114 -13.95 5.56 -10.69
C GLN A 114 -12.80 5.97 -9.74
N LEU A 115 -13.00 7.10 -9.07
CA LEU A 115 -12.02 7.69 -8.13
C LEU A 115 -12.38 7.46 -6.68
N GLY A 116 -13.33 6.61 -6.43
CA GLY A 116 -13.81 6.33 -5.05
C GLY A 116 -15.21 5.78 -5.14
N ARG A 117 -15.77 5.37 -4.01
CA ARG A 117 -17.11 4.83 -3.93
C ARG A 117 -17.71 5.38 -2.66
N TRP A 118 -18.57 6.36 -2.79
CA TRP A 118 -19.23 6.99 -1.64
C TRP A 118 -20.41 6.16 -1.24
N MET A 119 -20.62 6.08 0.06
CA MET A 119 -21.83 5.52 0.63
C MET A 119 -22.38 6.54 1.59
N SER A 120 -23.69 6.76 1.53
CA SER A 120 -24.28 7.70 2.47
C SER A 120 -24.28 7.14 3.89
N GLU A 121 -24.40 8.08 4.82
CA GLU A 121 -24.49 7.74 6.23
C GLU A 121 -25.65 6.77 6.49
N GLU A 122 -26.79 7.05 5.87
CA GLU A 122 -27.98 6.21 6.07
C GLU A 122 -27.78 4.82 5.54
N ASP A 123 -27.20 4.70 4.34
CA ASP A 123 -26.99 3.41 3.79
C ASP A 123 -25.96 2.65 4.63
N PHE A 124 -24.96 3.37 5.15
CA PHE A 124 -24.00 2.64 5.94
C PHE A 124 -24.60 2.13 7.26
N GLU A 125 -25.45 2.94 7.88
CA GLU A 125 -26.03 2.55 9.17
C GLU A 125 -26.82 1.28 8.97
N LYS A 126 -27.56 1.22 7.88
CA LYS A 126 -28.29 0.02 7.57
CA LYS A 126 -28.29 0.01 7.56
C LYS A 126 -27.36 -1.18 7.29
N ALA A 127 -26.29 -0.94 6.55
CA ALA A 127 -25.36 -2.02 6.25
C ALA A 127 -24.67 -2.57 7.53
N PHE A 128 -24.27 -1.65 8.37
CA PHE A 128 -23.61 -1.95 9.65
C PHE A 128 -24.55 -2.77 10.54
N ASN A 129 -25.80 -2.31 10.65
CA ASN A 129 -26.78 -3.06 11.48
C ASN A 129 -27.12 -4.46 10.96
N ALA A 130 -26.92 -4.69 9.67
CA ALA A 130 -27.17 -5.97 9.05
C ALA A 130 -25.99 -6.92 9.13
N ARG A 131 -24.88 -6.46 9.73
CA ARG A 131 -23.65 -7.22 9.78
C ARG A 131 -23.10 -7.43 11.20
N PHE A 132 -22.83 -6.34 11.90
CA PHE A 132 -22.06 -6.47 13.13
C PHE A 132 -22.77 -7.02 14.38
N PRO A 133 -24.08 -6.76 14.56
CA PRO A 133 -24.65 -7.26 15.83
C PRO A 133 -24.45 -8.75 15.99
N GLY A 134 -23.82 -9.18 17.08
CA GLY A 134 -23.58 -10.57 17.34
C GLY A 134 -22.50 -11.25 16.52
N CYS A 135 -21.75 -10.48 15.72
CA CYS A 135 -20.89 -11.11 14.70
C CYS A 135 -19.71 -11.90 15.27
N MET A 136 -19.28 -11.62 16.50
CA MET A 136 -18.14 -12.32 17.10
C MET A 136 -18.53 -13.40 18.11
N LYS A 137 -19.80 -13.80 18.09
CA LYS A 137 -20.26 -14.80 19.06
C LYS A 137 -19.39 -16.04 18.97
N GLY A 138 -18.96 -16.57 20.13
CA GLY A 138 -18.11 -17.71 20.12
C GLY A 138 -16.63 -17.50 19.86
N ARG A 139 -16.24 -16.26 19.64
CA ARG A 139 -14.90 -15.94 19.20
C ARG A 139 -14.23 -15.01 20.20
N THR A 140 -12.92 -14.88 20.07
CA THR A 140 -12.18 -13.86 20.81
C THR A 140 -12.14 -12.58 20.03
N MET A 141 -12.44 -11.47 20.71
CA MET A 141 -12.13 -10.14 20.20
C MET A 141 -10.73 -9.77 20.64
N TYR A 142 -9.80 -9.65 19.71
CA TYR A 142 -8.46 -9.19 20.01
C TYR A 142 -8.47 -7.70 19.88
N VAL A 143 -7.70 -7.04 20.75
CA VAL A 143 -7.56 -5.60 20.76
C VAL A 143 -6.10 -5.30 20.46
N ILE A 144 -5.84 -4.65 19.33
CA ILE A 144 -4.52 -4.46 18.78
C ILE A 144 -4.20 -2.99 18.83
N PRO A 145 -3.37 -2.57 19.81
CA PRO A 145 -2.99 -1.19 19.83
C PRO A 145 -1.76 -1.03 18.93
N PHE A 146 -1.82 -0.15 17.94
CA PHE A 146 -0.72 -0.06 17.01
C PHE A 146 -0.38 1.36 16.59
N SER A 147 0.89 1.53 16.30
CA SER A 147 1.39 2.75 15.72
C SER A 147 1.76 2.57 14.26
N MET A 148 1.25 3.50 13.45
CA MET A 148 1.69 3.74 12.12
C MET A 148 2.81 4.75 12.17
N GLY A 149 4.02 4.25 11.96
CA GLY A 149 5.21 5.02 12.06
C GLY A 149 6.00 4.68 13.31
N PRO A 150 7.28 5.06 13.30
CA PRO A 150 8.08 4.88 14.51
C PRO A 150 7.39 5.46 15.77
N LEU A 151 7.43 4.74 16.90
CA LEU A 151 6.68 5.16 18.10
C LEU A 151 7.19 6.52 18.59
N GLY A 152 6.29 7.46 18.77
CA GLY A 152 6.65 8.83 19.12
C GLY A 152 7.16 9.72 17.97
N SER A 153 7.21 9.24 16.72
CA SER A 153 7.49 10.12 15.58
C SER A 153 6.43 11.20 15.50
N PRO A 154 6.81 12.45 15.21
CA PRO A 154 5.82 13.51 14.97
C PRO A 154 4.88 13.20 13.80
N LEU A 155 5.30 12.29 12.93
CA LEU A 155 4.52 11.90 11.76
CA LEU A 155 4.52 11.90 11.76
C LEU A 155 3.69 10.65 12.00
N ALA A 156 3.88 9.98 13.12
CA ALA A 156 3.15 8.73 13.40
C ALA A 156 1.73 9.01 13.87
N LYS A 157 0.85 8.03 13.62
CA LYS A 157 -0.53 8.08 14.10
C LYS A 157 -0.84 6.72 14.72
N ILE A 158 -1.73 6.69 15.71
CA ILE A 158 -2.06 5.51 16.45
C ILE A 158 -3.45 5.03 16.06
N GLY A 159 -3.58 3.72 15.98
CA GLY A 159 -4.88 3.11 15.91
C GLY A 159 -5.09 2.05 16.96
N ILE A 160 -6.35 1.66 17.11
CA ILE A 160 -6.73 0.49 17.87
C ILE A 160 -7.57 -0.36 16.94
N GLU A 161 -7.13 -1.59 16.69
CA GLU A 161 -7.96 -2.49 15.87
C GLU A 161 -8.53 -3.58 16.73
N LEU A 162 -9.84 -3.73 16.63
CA LEU A 162 -10.54 -4.86 17.19
C LEU A 162 -10.79 -5.85 16.05
N THR A 163 -10.46 -7.11 16.28
CA THR A 163 -10.67 -8.16 15.29
C THR A 163 -11.00 -9.47 15.96
N ASP A 164 -11.73 -10.32 15.24
CA ASP A 164 -11.91 -11.67 15.66
C ASP A 164 -10.97 -12.70 14.99
N SER A 165 -9.96 -12.19 14.29
CA SER A 165 -9.04 -13.01 13.54
C SER A 165 -7.64 -13.05 14.09
N PRO A 166 -7.21 -14.24 14.51
CA PRO A 166 -5.81 -14.35 14.98
C PRO A 166 -4.79 -14.12 13.83
N TYR A 167 -5.18 -14.45 12.61
CA TYR A 167 -4.35 -14.17 11.42
C TYR A 167 -4.07 -12.69 11.32
N VAL A 168 -5.10 -11.88 11.56
CA VAL A 168 -4.96 -10.44 11.54
C VAL A 168 -4.00 -9.96 12.66
N VAL A 169 -4.17 -10.53 13.84
CA VAL A 169 -3.29 -10.16 14.96
C VAL A 169 -1.85 -10.45 14.57
N ALA A 170 -1.59 -11.66 14.11
CA ALA A 170 -0.21 -12.02 13.77
C ALA A 170 0.37 -11.11 12.70
N SER A 171 -0.40 -10.91 11.66
CA SER A 171 0.08 -10.10 10.54
C SER A 171 0.23 -8.64 10.89
N MET A 172 -0.66 -8.13 11.73
CA MET A 172 -0.49 -6.78 12.26
C MET A 172 0.75 -6.59 13.11
N ARG A 173 1.16 -7.65 13.80
CA ARG A 173 2.40 -7.52 14.59
C ARG A 173 3.60 -7.27 13.65
N ILE A 174 3.56 -7.86 12.49
CA ILE A 174 4.58 -7.72 11.44
C ILE A 174 4.50 -6.35 10.82
N MET A 175 3.28 -5.98 10.40
CA MET A 175 3.09 -4.82 9.56
C MET A 175 2.95 -3.48 10.23
N THR A 176 2.77 -3.49 11.56
CA THR A 176 2.65 -2.28 12.38
C THR A 176 3.53 -2.50 13.61
N ARG A 177 3.67 -1.46 14.42
CA ARG A 177 4.29 -1.58 15.74
C ARG A 177 3.14 -1.75 16.72
N MET A 178 3.01 -2.92 17.30
CA MET A 178 1.88 -3.12 18.19
C MET A 178 2.22 -3.64 19.56
N GLY A 179 1.36 -3.26 20.51
CA GLY A 179 1.36 -3.85 21.85
C GLY A 179 1.28 -2.82 22.94
N THR A 180 1.74 -3.23 24.13
CA THR A 180 1.57 -2.40 25.31
C THR A 180 2.26 -1.01 25.25
N SER A 181 3.45 -0.93 24.65
CA SER A 181 4.15 0.38 24.59
C SER A 181 3.33 1.39 23.80
N VAL A 182 2.50 0.91 22.85
CA VAL A 182 1.67 1.85 22.11
C VAL A 182 0.55 2.41 22.98
N LEU A 183 -0.10 1.57 23.78
CA LEU A 183 -1.09 2.08 24.74
C LEU A 183 -0.54 3.10 25.69
N GLU A 184 0.67 2.85 26.15
CA GLU A 184 1.33 3.78 27.09
C GLU A 184 1.67 5.09 26.36
N ALA A 185 2.12 5.00 25.12
CA ALA A 185 2.40 6.17 24.31
C ALA A 185 1.12 7.00 24.05
N LEU A 186 0.05 6.30 23.71
CA LEU A 186 -1.22 6.91 23.39
C LEU A 186 -1.80 7.73 24.56
N GLY A 187 -1.88 7.14 25.74
CA GLY A 187 -2.49 7.85 26.88
C GLY A 187 -3.88 8.29 26.50
N ASP A 188 -4.23 9.54 26.79
CA ASP A 188 -5.55 10.04 26.46
C ASP A 188 -5.64 10.76 25.12
N GLY A 189 -4.68 10.46 24.23
CA GLY A 189 -4.70 11.06 22.91
C GLY A 189 -5.68 10.44 21.93
N GLU A 190 -5.72 11.04 20.76
CA GLU A 190 -6.61 10.58 19.71
C GLU A 190 -6.05 9.34 18.99
N PHE A 191 -6.97 8.53 18.50
CA PHE A 191 -6.59 7.36 17.77
C PHE A 191 -7.66 7.05 16.75
N ILE A 192 -7.27 6.31 15.72
CA ILE A 192 -8.21 5.82 14.73
C ILE A 192 -8.83 4.52 15.22
N LYS A 193 -10.16 4.53 15.25
CA LYS A 193 -10.94 3.39 15.66
C LYS A 193 -11.10 2.41 14.51
N CYS A 194 -10.56 1.21 14.65
CA CYS A 194 -10.56 0.24 13.56
C CYS A 194 -11.28 -0.99 14.05
N LEU A 195 -12.38 -1.38 13.36
CA LEU A 195 -13.22 -2.47 13.81
C LEU A 195 -13.25 -3.45 12.64
N HIS A 196 -12.90 -4.68 12.92
CA HIS A 196 -12.91 -5.75 11.90
C HIS A 196 -13.55 -7.03 12.42
N SER A 197 -14.36 -7.68 11.57
CA SER A 197 -14.84 -9.02 11.81
C SER A 197 -14.88 -9.81 10.52
N VAL A 198 -14.52 -11.08 10.62
CA VAL A 198 -14.65 -11.98 9.50
C VAL A 198 -16.10 -12.28 9.16
N GLY A 199 -17.02 -11.96 10.08
CA GLY A 199 -18.46 -12.10 9.79
C GLY A 199 -19.00 -13.50 9.84
N CYS A 200 -18.48 -14.33 10.72
CA CYS A 200 -18.82 -15.72 10.83
C CYS A 200 -19.02 -16.11 12.31
N PRO A 201 -20.06 -15.56 12.94
CA PRO A 201 -20.31 -15.90 14.33
C PRO A 201 -20.58 -17.39 14.47
N LEU A 202 -20.25 -17.92 15.63
CA LEU A 202 -20.51 -19.32 15.91
C LEU A 202 -21.82 -19.44 16.66
N PRO A 203 -22.56 -20.50 16.39
CA PRO A 203 -22.25 -21.59 15.48
C PRO A 203 -22.37 -21.18 13.99
N LEU A 204 -21.49 -21.76 13.16
CA LEU A 204 -21.40 -21.34 11.76
C LEU A 204 -22.70 -21.63 11.04
N LYS A 205 -23.18 -20.61 10.34
CA LYS A 205 -24.37 -20.72 9.48
C LYS A 205 -24.08 -21.32 8.11
N LYS A 206 -22.85 -21.16 7.64
CA LYS A 206 -22.44 -21.72 6.37
C LYS A 206 -21.13 -22.48 6.49
N PRO A 207 -20.88 -23.40 5.55
CA PRO A 207 -19.67 -24.19 5.61
C PRO A 207 -18.41 -23.34 5.54
N LEU A 208 -17.43 -23.72 6.33
CA LEU A 208 -16.14 -23.08 6.33
C LEU A 208 -15.36 -23.71 5.17
N VAL A 209 -14.76 -22.90 4.29
CA VAL A 209 -13.93 -23.39 3.20
C VAL A 209 -12.47 -23.16 3.55
N ASN A 210 -11.69 -24.26 3.54
CA ASN A 210 -10.27 -24.23 3.82
C ASN A 210 -9.94 -23.63 5.15
N ASN A 211 -10.79 -23.90 6.15
CA ASN A 211 -10.61 -23.35 7.48
C ASN A 211 -10.41 -21.85 7.51
N TRP A 212 -11.05 -21.14 6.59
CA TRP A 212 -10.84 -19.71 6.43
C TRP A 212 -12.13 -18.98 6.57
N ALA A 213 -12.35 -18.41 7.75
CA ALA A 213 -13.58 -17.68 8.02
C ALA A 213 -13.67 -16.40 7.22
N CYS A 214 -14.77 -16.28 6.47
CA CYS A 214 -15.08 -15.07 5.71
C CYS A 214 -16.55 -15.09 5.32
N ASN A 215 -17.05 -13.94 4.87
CA ASN A 215 -18.43 -13.77 4.46
C ASN A 215 -18.44 -12.91 3.22
N PRO A 216 -18.21 -13.56 2.05
CA PRO A 216 -18.02 -12.81 0.83
C PRO A 216 -19.23 -11.98 0.48
N GLU A 217 -20.42 -12.52 0.69
CA GLU A 217 -21.61 -11.83 0.27
C GLU A 217 -21.84 -10.53 1.04
N LEU A 218 -21.42 -10.48 2.31
CA LEU A 218 -21.61 -9.25 3.11
C LEU A 218 -20.32 -8.46 3.27
N THR A 219 -19.31 -8.79 2.50
CA THR A 219 -18.04 -8.09 2.63
C THR A 219 -18.22 -6.61 2.37
N LEU A 220 -17.68 -5.77 3.25
CA LEU A 220 -17.86 -4.35 3.15
C LEU A 220 -16.70 -3.66 3.91
N ILE A 221 -15.90 -2.85 3.22
CA ILE A 221 -14.72 -2.20 3.83
C ILE A 221 -15.01 -0.72 3.82
N ALA A 222 -15.37 -0.18 5.00
CA ALA A 222 -15.88 1.17 5.11
C ALA A 222 -14.94 2.11 5.84
N HIS A 223 -14.96 3.38 5.48
CA HIS A 223 -14.10 4.39 6.08
C HIS A 223 -14.98 5.57 6.41
N LEU A 224 -14.89 6.05 7.64
CA LEU A 224 -15.75 7.16 8.10
C LEU A 224 -14.79 8.22 8.63
N PRO A 225 -14.19 9.02 7.73
CA PRO A 225 -13.13 9.93 8.16
C PRO A 225 -13.57 10.97 9.18
N ASP A 226 -14.80 11.42 9.08
CA ASP A 226 -15.30 12.43 10.04
C ASP A 226 -15.60 11.82 11.40
N ARG A 227 -15.59 10.50 11.51
CA ARG A 227 -15.68 9.85 12.82
CA ARG A 227 -15.71 9.80 12.79
C ARG A 227 -14.36 9.18 13.22
N ARG A 228 -13.31 9.35 12.40
CA ARG A 228 -12.04 8.68 12.63
C ARG A 228 -12.21 7.18 12.81
N GLU A 229 -13.02 6.55 11.95
CA GLU A 229 -13.35 5.13 12.04
C GLU A 229 -13.09 4.41 10.73
N ILE A 230 -12.61 3.19 10.86
CA ILE A 230 -12.55 2.22 9.78
C ILE A 230 -13.31 1.00 10.25
N ILE A 231 -14.24 0.53 9.45
CA ILE A 231 -15.11 -0.55 9.81
C ILE A 231 -15.15 -1.55 8.68
N SER A 232 -14.62 -2.73 8.90
CA SER A 232 -14.40 -3.73 7.85
C SER A 232 -15.02 -5.04 8.23
N PHE A 233 -15.87 -5.57 7.35
CA PHE A 233 -16.61 -6.80 7.64
C PHE A 233 -16.45 -7.85 6.55
N GLY A 234 -16.21 -9.10 6.90
CA GLY A 234 -16.45 -10.21 5.95
C GLY A 234 -15.23 -10.76 5.22
N SER A 235 -14.11 -10.04 5.28
CA SER A 235 -12.92 -10.46 4.55
C SER A 235 -11.74 -10.57 5.51
N GLY A 236 -10.98 -11.64 5.37
CA GLY A 236 -9.69 -11.74 6.10
C GLY A 236 -8.49 -11.35 5.25
N TYR A 237 -8.65 -11.20 3.95
CA TYR A 237 -7.54 -10.82 3.07
C TYR A 237 -6.89 -9.54 3.65
N GLY A 238 -5.57 -9.50 3.69
CA GLY A 238 -4.80 -8.50 4.44
C GLY A 238 -5.11 -7.05 4.08
N GLY A 239 -5.35 -6.75 2.79
CA GLY A 239 -5.71 -5.42 2.37
C GLY A 239 -7.03 -4.92 2.91
N ASN A 240 -7.88 -5.87 3.25
CA ASN A 240 -9.18 -5.62 3.82
C ASN A 240 -9.22 -5.76 5.33
N SER A 241 -8.30 -6.49 5.95
CA SER A 241 -8.44 -6.88 7.35
C SER A 241 -7.31 -6.31 8.19
N LEU A 242 -6.14 -6.05 7.63
CA LEU A 242 -5.05 -5.42 8.41
C LEU A 242 -5.33 -3.97 8.18
N LEU A 243 -6.02 -3.32 9.13
CA LEU A 243 -6.60 -2.03 8.80
C LEU A 243 -5.58 -0.92 8.72
N GLY A 244 -4.36 -1.17 9.23
CA GLY A 244 -3.27 -0.23 8.94
C GLY A 244 -2.93 -0.20 7.43
N LYS A 245 -2.99 -1.34 6.73
CA LYS A 245 -2.27 -1.51 5.46
C LYS A 245 -2.67 -0.53 4.35
N LYS A 246 -3.97 -0.34 4.14
CA LYS A 246 -4.52 0.56 3.07
C LYS A 246 -5.62 1.47 3.67
N CYS A 247 -6.53 0.90 4.46
CA CYS A 247 -7.61 1.67 5.08
C CYS A 247 -7.13 2.90 5.86
N PHE A 248 -6.17 2.68 6.76
CA PHE A 248 -5.56 3.74 7.54
C PHE A 248 -4.45 4.41 6.71
N ALA A 249 -3.50 3.60 6.25
CA ALA A 249 -2.30 4.09 5.55
C ALA A 249 -2.59 5.10 4.48
N LEU A 250 -3.59 4.77 3.66
CA LEU A 250 -3.90 5.66 2.54
C LEU A 250 -5.25 6.37 2.65
N ARG A 251 -6.33 5.65 2.96
CA ARG A 251 -7.65 6.29 2.85
C ARG A 251 -7.91 7.33 3.97
N ILE A 252 -7.85 6.88 5.23
CA ILE A 252 -8.02 7.80 6.34
C ILE A 252 -6.81 8.75 6.38
N ALA A 253 -5.61 8.23 6.19
CA ALA A 253 -4.43 9.12 6.32
C ALA A 253 -4.39 10.23 5.27
N SER A 254 -4.85 9.95 4.03
CA SER A 254 -4.84 11.00 3.03
C SER A 254 -5.75 12.15 3.40
N ARG A 255 -6.85 11.82 4.07
CA ARG A 255 -7.74 12.87 4.59
C ARG A 255 -7.13 13.65 5.75
N LEU A 256 -6.53 12.93 6.67
CA LEU A 256 -5.81 13.58 7.76
C LEU A 256 -4.76 14.48 7.18
N ALA A 257 -4.07 14.00 6.15
CA ALA A 257 -2.99 14.70 5.53
C ALA A 257 -3.46 15.99 4.91
N LYS A 258 -4.58 15.91 4.20
CA LYS A 258 -5.25 17.09 3.64
CA LYS A 258 -5.21 17.10 3.62
C LYS A 258 -5.54 18.13 4.73
N GLU A 259 -6.11 17.68 5.84
CA GLU A 259 -6.49 18.58 6.95
C GLU A 259 -5.26 19.18 7.62
N GLU A 260 -4.18 18.43 7.67
CA GLU A 260 -3.02 18.78 8.54
C GLU A 260 -1.78 19.26 7.76
N GLY A 261 -1.84 19.30 6.45
CA GLY A 261 -0.72 19.81 5.64
C GLY A 261 0.36 18.82 5.16
N TRP A 262 0.06 17.52 5.12
CA TRP A 262 1.05 16.52 4.75
C TRP A 262 0.48 15.68 3.64
N LEU A 263 1.16 14.57 3.30
CA LEU A 263 0.76 13.71 2.15
C LEU A 263 0.89 12.28 2.62
N ALA A 264 -0.08 11.47 2.27
CA ALA A 264 -0.09 10.02 2.46
C ALA A 264 -0.27 9.37 1.15
N GLU A 265 0.73 8.60 0.73
CA GLU A 265 0.84 8.19 -0.67
C GLU A 265 1.25 6.75 -0.81
N HIS A 266 0.87 6.17 -1.96
CA HIS A 266 1.17 4.81 -2.37
C HIS A 266 2.52 4.77 -3.01
N MET A 267 3.56 5.01 -2.20
CA MET A 267 4.95 5.19 -2.62
C MET A 267 5.92 4.35 -1.82
N LEU A 268 6.84 3.74 -2.52
CA LEU A 268 8.05 3.25 -1.87
C LEU A 268 8.92 4.42 -1.54
N ILE A 269 9.85 4.21 -0.59
CA ILE A 269 10.89 5.14 -0.27
C ILE A 269 12.21 4.35 -0.27
N LEU A 270 13.19 4.83 -1.05
CA LEU A 270 14.51 4.20 -1.01
C LEU A 270 15.57 5.30 -0.81
N GLY A 271 16.71 4.83 -0.32
CA GLY A 271 17.92 5.62 -0.28
C GLY A 271 18.90 5.07 -1.30
N ILE A 272 19.54 5.95 -2.03
CA ILE A 272 20.53 5.55 -3.02
C ILE A 272 21.80 6.35 -2.77
N THR A 273 22.92 5.63 -2.77
CA THR A 273 24.22 6.23 -2.54
C THR A 273 25.08 6.01 -3.78
N ASN A 274 25.76 7.04 -4.24
CA ASN A 274 26.54 6.94 -5.49
C ASN A 274 28.02 6.65 -5.21
N PRO A 275 28.85 6.50 -6.24
CA PRO A 275 30.24 6.15 -5.96
C PRO A 275 31.07 7.27 -5.34
N GLU A 276 30.51 8.49 -5.30
CA GLU A 276 31.18 9.67 -4.63
C GLU A 276 30.69 9.82 -3.17
N GLY A 277 30.02 8.80 -2.65
CA GLY A 277 29.49 8.76 -1.30
C GLY A 277 28.44 9.79 -0.97
N LYS A 278 27.66 10.17 -1.96
CA LYS A 278 26.49 11.03 -1.75
CA LYS A 278 26.50 11.05 -1.79
C LYS A 278 25.24 10.18 -1.77
N LYS A 279 24.32 10.49 -0.88
CA LYS A 279 23.10 9.70 -0.70
C LYS A 279 21.88 10.58 -0.83
N LYS A 280 20.89 10.09 -1.60
CA LYS A 280 19.62 10.78 -1.79
C LYS A 280 18.48 9.80 -1.55
N TYR A 281 17.37 10.30 -0.99
CA TYR A 281 16.16 9.52 -0.86
C TYR A 281 15.17 9.91 -1.96
N LEU A 282 14.54 8.90 -2.51
CA LEU A 282 13.55 9.01 -3.57
C LEU A 282 12.30 8.29 -3.12
N ALA A 283 11.15 8.76 -3.61
CA ALA A 283 9.89 8.07 -3.43
C ALA A 283 9.33 7.77 -4.79
N ALA A 284 8.58 6.72 -4.90
CA ALA A 284 8.00 6.30 -6.19
C ALA A 284 6.64 5.68 -6.05
N ALA A 285 5.69 6.16 -6.87
CA ALA A 285 4.34 5.71 -6.90
C ALA A 285 4.12 5.03 -8.24
N PHE A 286 4.02 3.71 -8.17
CA PHE A 286 3.53 2.90 -9.30
C PHE A 286 2.25 2.19 -8.86
N PRO A 287 1.34 1.89 -9.82
CA PRO A 287 0.21 1.15 -9.43
C PRO A 287 0.53 -0.22 -8.86
N SER A 288 -0.42 -0.79 -8.15
CA SER A 288 -0.32 -2.15 -7.76
C SER A 288 0.08 -3.00 -8.99
N ALA A 289 0.95 -3.98 -8.76
CA ALA A 289 1.43 -4.92 -9.76
C ALA A 289 2.35 -4.33 -10.77
N CYS A 290 2.99 -3.20 -10.43
CA CYS A 290 3.85 -2.49 -11.39
C CYS A 290 5.27 -2.29 -10.84
N GLY A 291 5.64 -3.03 -9.78
CA GLY A 291 7.04 -3.15 -9.41
C GLY A 291 7.64 -2.29 -8.35
N LYS A 292 6.80 -1.69 -7.50
CA LYS A 292 7.35 -0.89 -6.41
C LYS A 292 8.25 -1.74 -5.55
N THR A 293 7.80 -2.91 -5.13
CA THR A 293 8.63 -3.67 -4.17
C THR A 293 9.97 -4.09 -4.78
N ASN A 294 10.00 -4.37 -6.07
CA ASN A 294 11.27 -4.64 -6.72
C ASN A 294 12.23 -3.46 -6.68
N LEU A 295 11.70 -2.26 -6.92
CA LEU A 295 12.53 -1.07 -6.94
C LEU A 295 13.03 -0.73 -5.56
N ALA A 296 12.12 -0.86 -4.58
CA ALA A 296 12.43 -0.48 -3.22
C ALA A 296 13.56 -1.26 -2.67
N MET A 297 13.70 -2.49 -3.13
CA MET A 297 14.66 -3.48 -2.63
CA MET A 297 14.68 -3.44 -2.61
C MET A 297 15.73 -3.77 -3.64
N MET A 298 15.87 -2.89 -4.63
CA MET A 298 16.73 -3.17 -5.80
C MET A 298 18.15 -3.54 -5.38
N ASN A 299 18.66 -4.55 -6.09
CA ASN A 299 20.09 -4.83 -6.10
C ASN A 299 20.71 -4.22 -7.36
N PRO A 300 21.34 -3.06 -7.24
CA PRO A 300 21.76 -2.34 -8.45
C PRO A 300 22.91 -3.05 -9.18
N THR A 301 22.90 -2.98 -10.49
CA THR A 301 23.97 -3.61 -11.30
C THR A 301 25.17 -2.67 -11.44
N LEU A 302 24.98 -1.36 -11.25
CA LEU A 302 26.10 -0.42 -11.45
C LEU A 302 27.07 -0.52 -10.29
N PRO A 303 28.36 -0.72 -10.59
CA PRO A 303 29.33 -0.77 -9.52
C PRO A 303 29.43 0.57 -8.79
N GLY A 304 29.60 0.48 -7.48
CA GLY A 304 29.79 1.60 -6.61
C GLY A 304 28.50 2.27 -6.15
N TRP A 305 27.35 1.76 -6.62
CA TRP A 305 26.02 2.27 -6.21
C TRP A 305 25.39 1.34 -5.21
N LYS A 306 24.66 1.92 -4.28
CA LYS A 306 23.99 1.17 -3.22
CA LYS A 306 23.98 1.15 -3.24
C LYS A 306 22.55 1.66 -3.14
N VAL A 307 21.64 0.71 -3.00
CA VAL A 307 20.24 1.02 -2.71
C VAL A 307 19.84 0.37 -1.40
N GLU A 308 19.17 1.16 -0.57
CA GLU A 308 18.64 0.70 0.67
C GLU A 308 17.16 1.05 0.76
N CYS A 309 16.43 0.19 1.45
CA CYS A 309 14.98 0.28 1.49
C CYS A 309 14.48 0.98 2.78
N VAL A 310 13.70 2.05 2.67
CA VAL A 310 12.93 2.63 3.79
C VAL A 310 11.53 1.99 3.90
N GLY A 311 10.82 1.89 2.77
CA GLY A 311 9.58 1.19 2.71
C GLY A 311 9.24 0.80 1.27
N ASP A 312 8.29 -0.10 1.10
CA ASP A 312 7.96 -0.55 -0.24
C ASP A 312 6.63 -0.19 -0.70
N ASP A 313 5.78 0.52 0.06
CA ASP A 313 4.37 0.64 -0.34
C ASP A 313 3.62 1.92 0.07
N ILE A 314 3.93 2.46 1.24
CA ILE A 314 3.27 3.64 1.78
C ILE A 314 4.30 4.63 2.25
N ALA A 315 4.08 5.89 1.92
CA ALA A 315 4.91 6.99 2.40
C ALA A 315 4.04 8.06 2.98
N TRP A 316 4.43 8.55 4.15
CA TRP A 316 3.77 9.70 4.76
C TRP A 316 4.83 10.78 4.74
N MET A 317 4.51 11.92 4.17
CA MET A 317 5.51 12.95 3.86
C MET A 317 5.01 14.30 4.31
N LYS A 318 5.90 15.09 4.95
CA LYS A 318 5.55 16.43 5.47
C LYS A 318 6.72 17.38 5.34
N PHE A 319 6.51 18.53 4.73
CA PHE A 319 7.57 19.55 4.71
C PHE A 319 7.84 20.03 6.12
N ASP A 320 9.11 20.04 6.53
CA ASP A 320 9.45 20.54 7.87
C ASP A 320 9.68 22.05 7.77
N ALA A 321 10.06 22.61 8.92
CA ALA A 321 10.24 24.06 9.03
C ALA A 321 11.38 24.55 8.16
N GLN A 322 12.28 23.65 7.77
CA GLN A 322 13.41 23.98 6.90
C GLN A 322 13.11 23.83 5.45
N GLY A 323 11.91 23.34 5.11
CA GLY A 323 11.49 23.16 3.74
C GLY A 323 11.81 21.79 3.14
N ASN A 324 12.38 20.90 3.91
CA ASN A 324 12.67 19.58 3.38
C ASN A 324 11.41 18.74 3.44
N LEU A 325 11.17 17.94 2.41
CA LEU A 325 10.07 17.00 2.40
C LEU A 325 10.50 15.75 3.14
N ARG A 326 10.09 15.62 4.39
CA ARG A 326 10.51 14.52 5.24
C ARG A 326 9.50 13.40 5.18
N ALA A 327 9.97 12.19 4.90
CA ALA A 327 9.09 11.04 4.75
C ALA A 327 9.36 9.95 5.74
N ILE A 328 8.29 9.31 6.24
CA ILE A 328 8.43 8.05 6.92
C ILE A 328 7.67 6.97 6.19
N ASN A 329 8.13 5.76 6.40
CA ASN A 329 7.37 4.55 6.07
C ASN A 329 6.57 4.31 7.36
N PRO A 330 5.25 4.45 7.31
CA PRO A 330 4.44 4.17 8.47
C PRO A 330 4.21 2.69 8.80
N GLU A 331 4.79 1.82 8.02
CA GLU A 331 4.68 0.42 8.25
C GLU A 331 5.89 -0.17 8.93
N ASN A 332 5.74 -1.41 9.38
CA ASN A 332 6.80 -2.13 10.06
C ASN A 332 7.31 -3.37 9.30
N GLY A 333 6.68 -3.69 8.16
CA GLY A 333 7.04 -4.86 7.38
C GLY A 333 6.64 -4.66 5.93
N PHE A 334 6.85 -5.69 5.13
CA PHE A 334 6.46 -5.68 3.74
C PHE A 334 5.43 -6.74 3.54
N PHE A 335 4.36 -6.36 2.87
CA PHE A 335 3.28 -7.28 2.47
C PHE A 335 3.33 -7.33 0.95
N GLY A 336 4.16 -8.22 0.47
CA GLY A 336 4.63 -8.22 -0.91
C GLY A 336 4.11 -9.37 -1.71
N VAL A 337 3.78 -9.11 -2.99
CA VAL A 337 3.35 -10.12 -3.96
C VAL A 337 4.48 -11.15 -4.12
N ALA A 338 4.12 -12.41 -3.93
CA ALA A 338 5.09 -13.50 -3.99
C ALA A 338 5.38 -13.93 -5.43
N PRO A 339 4.32 -14.29 -6.23
CA PRO A 339 4.63 -14.70 -7.61
C PRO A 339 5.47 -13.70 -8.35
N GLY A 340 6.40 -14.21 -9.15
CA GLY A 340 7.37 -13.39 -9.83
C GLY A 340 8.56 -12.99 -9.02
N THR A 341 8.59 -13.27 -7.72
CA THR A 341 9.72 -12.95 -6.88
C THR A 341 10.74 -14.08 -7.05
N SER A 342 11.94 -13.71 -7.49
CA SER A 342 13.02 -14.66 -7.71
C SER A 342 14.33 -14.01 -7.41
N VAL A 343 15.39 -14.80 -7.46
CA VAL A 343 16.70 -14.26 -7.26
C VAL A 343 17.04 -13.26 -8.36
N LYS A 344 16.48 -13.42 -9.58
CA LYS A 344 16.68 -12.45 -10.66
C LYS A 344 15.90 -11.16 -10.45
N THR A 345 14.68 -11.27 -9.94
CA THR A 345 13.84 -10.06 -9.86
C THR A 345 13.87 -9.33 -8.53
N ASN A 346 14.23 -10.02 -7.44
CA ASN A 346 14.25 -9.44 -6.10
C ASN A 346 15.03 -10.32 -5.14
N PRO A 347 16.35 -10.36 -5.33
CA PRO A 347 17.18 -11.22 -4.47
C PRO A 347 17.13 -10.80 -3.01
N ASN A 348 16.93 -9.52 -2.75
CA ASN A 348 16.86 -9.10 -1.38
C ASN A 348 15.58 -9.54 -0.66
N ALA A 349 14.46 -9.65 -1.37
CA ALA A 349 13.26 -10.25 -0.80
C ALA A 349 13.49 -11.73 -0.51
N ILE A 350 14.09 -12.46 -1.48
CA ILE A 350 14.40 -13.88 -1.24
C ILE A 350 15.14 -14.08 0.06
N LYS A 351 16.10 -13.20 0.35
CA LYS A 351 16.84 -13.26 1.57
C LYS A 351 15.97 -13.06 2.80
N THR A 352 15.13 -12.05 2.76
CA THR A 352 14.30 -11.52 3.88
CA THR A 352 14.48 -11.66 3.97
C THR A 352 13.27 -12.52 4.37
N ILE A 353 12.67 -13.23 3.44
CA ILE A 353 11.42 -13.96 3.68
C ILE A 353 11.57 -15.37 4.21
N GLN A 354 12.81 -15.76 4.52
CA GLN A 354 13.02 -17.12 5.01
C GLN A 354 13.09 -17.21 6.51
N LYS A 355 12.70 -16.14 7.20
CA LYS A 355 12.59 -16.18 8.61
C LYS A 355 11.41 -15.33 9.03
N ASN A 356 10.64 -15.84 9.99
CA ASN A 356 9.66 -15.02 10.69
C ASN A 356 8.63 -14.35 9.79
N THR A 357 8.24 -15.10 8.77
CA THR A 357 7.41 -14.60 7.68
C THR A 357 6.17 -15.43 7.52
N ILE A 358 5.05 -14.75 7.27
CA ILE A 358 3.82 -15.42 7.02
C ILE A 358 3.50 -15.27 5.54
N PHE A 359 3.22 -16.39 4.85
CA PHE A 359 2.86 -16.45 3.45
C PHE A 359 1.39 -16.78 3.39
N THR A 360 0.69 -16.18 2.44
CA THR A 360 -0.69 -16.47 2.19
C THR A 360 -0.92 -16.78 0.73
N ASN A 361 -1.49 -17.96 0.49
CA ASN A 361 -1.95 -18.39 -0.85
C ASN A 361 -0.84 -18.73 -1.83
N VAL A 362 0.31 -19.13 -1.31
CA VAL A 362 1.38 -19.69 -2.16
C VAL A 362 1.34 -21.20 -2.06
N ALA A 363 2.10 -21.84 -2.94
CA ALA A 363 2.24 -23.29 -2.91
C ALA A 363 3.25 -23.71 -1.87
N GLU A 364 3.13 -24.97 -1.44
CA GLU A 364 3.97 -25.56 -0.43
C GLU A 364 4.68 -26.79 -0.99
N THR A 365 5.96 -26.84 -0.80
CA THR A 365 6.78 -27.99 -1.26
C THR A 365 6.77 -29.04 -0.16
N SER A 366 6.96 -30.30 -0.58
CA SER A 366 6.84 -31.45 0.31
C SER A 366 7.86 -31.43 1.44
N ASP A 367 8.94 -30.67 1.28
CA ASP A 367 9.93 -30.48 2.34
C ASP A 367 9.68 -29.22 3.20
N GLY A 368 8.49 -28.64 3.06
CA GLY A 368 8.04 -27.54 3.93
C GLY A 368 8.53 -26.19 3.47
N GLY A 369 8.76 -26.06 2.16
CA GLY A 369 9.18 -24.79 1.52
C GLY A 369 8.01 -24.15 0.79
N VAL A 370 8.30 -23.04 0.13
CA VAL A 370 7.27 -22.27 -0.60
C VAL A 370 7.57 -22.25 -2.10
N TYR A 371 6.51 -22.15 -2.91
CA TYR A 371 6.65 -22.11 -4.37
C TYR A 371 5.57 -21.22 -4.98
N TRP A 372 5.88 -20.68 -6.16
CA TRP A 372 5.03 -19.80 -6.92
C TRP A 372 5.56 -19.65 -8.35
N GLU A 373 4.64 -19.29 -9.23
CA GLU A 373 4.97 -18.91 -10.59
C GLU A 373 6.05 -17.86 -10.52
N GLY A 374 7.06 -18.01 -11.37
CA GLY A 374 8.11 -17.04 -11.50
C GLY A 374 9.16 -17.11 -10.43
N ILE A 375 9.12 -18.14 -9.56
CA ILE A 375 10.17 -18.28 -8.58
C ILE A 375 11.55 -18.59 -9.24
N ASP A 376 11.45 -19.19 -10.44
CA ASP A 376 12.60 -19.35 -11.38
C ASP A 376 13.72 -20.10 -10.66
N GLU A 377 13.37 -21.14 -9.93
CA GLU A 377 14.37 -22.03 -9.41
C GLU A 377 13.82 -23.44 -9.15
N PRO A 378 14.61 -24.44 -9.57
CA PRO A 378 14.15 -25.82 -9.61
C PRO A 378 14.13 -26.51 -8.24
N LEU A 379 13.29 -27.52 -8.15
CA LEU A 379 13.20 -28.38 -7.00
C LEU A 379 13.99 -29.67 -7.25
N ALA A 380 14.64 -30.17 -6.21
CA ALA A 380 15.36 -31.45 -6.25
C ALA A 380 14.44 -32.55 -6.74
N PRO A 381 15.02 -33.59 -7.38
CA PRO A 381 14.09 -34.66 -7.72
C PRO A 381 13.60 -35.26 -6.40
N GLY A 382 12.32 -35.59 -6.32
CA GLY A 382 11.67 -36.04 -5.08
C GLY A 382 10.67 -35.03 -4.52
N VAL A 383 10.99 -33.74 -4.65
CA VAL A 383 10.20 -32.72 -3.98
C VAL A 383 8.93 -32.44 -4.75
N THR A 384 7.79 -32.47 -4.08
CA THR A 384 6.51 -32.30 -4.73
C THR A 384 5.82 -31.02 -4.23
N ILE A 385 4.76 -30.62 -4.91
CA ILE A 385 4.08 -29.33 -4.67
C ILE A 385 2.60 -29.50 -4.37
N THR A 386 2.18 -28.92 -3.25
CA THR A 386 0.78 -28.72 -2.92
C THR A 386 0.40 -27.29 -3.34
N SER A 387 -0.62 -27.15 -4.17
CA SER A 387 -1.03 -25.82 -4.62
C SER A 387 -1.68 -25.05 -3.49
N TRP A 388 -1.87 -23.76 -3.75
CA TRP A 388 -2.57 -22.88 -2.78
C TRP A 388 -4.02 -23.30 -2.56
N LYS A 389 -4.53 -24.19 -3.42
CA LYS A 389 -5.88 -24.73 -3.28
C LYS A 389 -5.89 -26.02 -2.46
N ASN A 390 -4.75 -26.33 -1.85
CA ASN A 390 -4.55 -27.55 -1.06
C ASN A 390 -4.78 -28.85 -1.85
N LYS A 391 -4.19 -28.90 -3.04
CA LYS A 391 -4.25 -30.06 -3.93
C LYS A 391 -2.86 -30.30 -4.43
N GLU A 392 -2.51 -31.56 -4.69
CA GLU A 392 -1.25 -31.87 -5.36
C GLU A 392 -1.22 -31.21 -6.73
N TRP A 393 -0.06 -30.63 -7.06
CA TRP A 393 0.07 -29.80 -8.26
C TRP A 393 1.27 -30.15 -9.13
N ARG A 394 1.06 -30.13 -10.45
CA ARG A 394 2.12 -30.21 -11.46
C ARG A 394 1.80 -29.25 -12.60
N PRO A 395 2.83 -28.64 -13.23
CA PRO A 395 2.64 -27.78 -14.43
C PRO A 395 1.84 -28.47 -15.56
N GLU A 399 -3.71 -24.44 -14.27
CA GLU A 399 -3.86 -23.45 -13.19
C GLU A 399 -2.55 -23.19 -12.47
N PRO A 400 -2.36 -21.96 -11.92
CA PRO A 400 -1.10 -21.70 -11.22
C PRO A 400 -1.09 -22.37 -9.85
N CYS A 401 0.11 -22.58 -9.32
CA CYS A 401 0.26 -23.28 -8.07
C CYS A 401 0.01 -22.28 -6.94
N ALA A 402 0.15 -21.00 -7.24
CA ALA A 402 -0.09 -19.93 -6.26
C ALA A 402 -1.05 -18.92 -6.78
N HIS A 403 -1.85 -18.32 -5.90
CA HIS A 403 -2.73 -17.30 -6.37
C HIS A 403 -1.89 -16.09 -6.89
N PRO A 404 -2.32 -15.40 -7.96
CA PRO A 404 -1.49 -14.31 -8.53
C PRO A 404 -1.30 -13.14 -7.58
N ASN A 405 -2.21 -13.00 -6.64
CA ASN A 405 -2.04 -12.00 -5.56
C ASN A 405 -1.67 -12.61 -4.19
N SER A 406 -1.05 -13.77 -4.22
CA SER A 406 -0.54 -14.32 -3.01
C SER A 406 0.59 -13.44 -2.58
N ARG A 407 0.90 -13.46 -1.28
CA ARG A 407 1.83 -12.54 -0.66
C ARG A 407 2.61 -13.12 0.46
N PHE A 408 3.76 -12.53 0.68
CA PHE A 408 4.51 -12.69 1.88
C PHE A 408 4.31 -11.47 2.80
N CYS A 409 4.39 -11.71 4.12
CA CYS A 409 4.23 -10.70 5.13
C CYS A 409 5.45 -10.85 6.05
N THR A 410 6.37 -9.94 5.91
CA THR A 410 7.69 -10.10 6.48
C THR A 410 8.18 -8.89 7.22
N PRO A 411 8.99 -9.08 8.30
CA PRO A 411 9.48 -7.93 9.03
C PRO A 411 10.47 -7.07 8.27
N ALA A 412 10.30 -5.77 8.33
CA ALA A 412 11.20 -4.86 7.64
C ALA A 412 12.61 -4.89 8.23
N SER A 413 12.68 -5.09 9.53
CA SER A 413 13.98 -5.09 10.23
C SER A 413 14.91 -6.20 9.72
N GLN A 414 14.37 -7.21 9.04
CA GLN A 414 15.14 -8.34 8.49
C GLN A 414 15.71 -8.14 7.08
N CYS A 415 15.31 -7.08 6.43
CA CYS A 415 15.74 -6.86 5.07
C CYS A 415 17.22 -6.54 5.16
N PRO A 416 18.04 -7.31 4.40
CA PRO A 416 19.47 -7.08 4.53
C PRO A 416 19.92 -5.72 4.02
N ILE A 417 19.09 -5.03 3.23
CA ILE A 417 19.37 -3.68 2.81
C ILE A 417 18.40 -2.65 3.39
N ILE A 418 17.82 -2.95 4.54
CA ILE A 418 16.99 -1.95 5.20
C ILE A 418 17.83 -0.71 5.52
N ASP A 419 17.27 0.46 5.29
CA ASP A 419 18.01 1.70 5.40
C ASP A 419 18.29 2.01 6.85
N PRO A 420 19.47 2.52 7.15
CA PRO A 420 19.72 2.83 8.55
C PRO A 420 18.80 3.85 9.20
N ALA A 421 18.11 4.67 8.41
CA ALA A 421 17.18 5.65 8.93
C ALA A 421 15.73 5.21 8.67
N TRP A 422 15.49 3.92 8.45
CA TRP A 422 14.13 3.49 8.07
C TRP A 422 13.13 3.68 9.22
N GLU A 423 13.61 3.82 10.45
CA GLU A 423 12.78 4.07 11.64
C GLU A 423 13.10 5.37 12.28
N SER A 424 13.86 6.24 11.63
CA SER A 424 14.17 7.52 12.23
CA SER A 424 14.16 7.50 12.25
C SER A 424 12.89 8.31 12.39
N PRO A 425 12.58 8.79 13.59
CA PRO A 425 11.29 9.45 13.71
C PRO A 425 11.13 10.75 12.96
N GLU A 426 12.22 11.40 12.58
CA GLU A 426 12.09 12.66 11.86
CA GLU A 426 12.21 12.66 11.86
C GLU A 426 11.90 12.40 10.38
N GLY A 427 12.09 11.15 9.96
CA GLY A 427 11.87 10.85 8.54
C GLY A 427 13.10 11.18 7.72
N VAL A 428 13.03 10.87 6.43
CA VAL A 428 14.13 11.05 5.50
C VAL A 428 13.76 12.09 4.46
N PRO A 429 14.74 12.87 3.96
CA PRO A 429 14.42 13.98 3.05
C PRO A 429 14.31 13.53 1.61
N ILE A 430 13.12 13.70 1.01
CA ILE A 430 12.89 13.23 -0.32
C ILE A 430 13.31 14.30 -1.30
N GLU A 431 14.14 13.90 -2.26
CA GLU A 431 14.72 14.82 -3.24
C GLU A 431 14.12 14.53 -4.66
N GLY A 432 13.43 13.41 -4.86
CA GLY A 432 12.79 13.09 -6.13
C GLY A 432 11.62 12.22 -5.88
N ILE A 433 10.59 12.41 -6.74
CA ILE A 433 9.36 11.63 -6.72
C ILE A 433 9.19 11.09 -8.12
N ILE A 434 9.03 9.78 -8.20
CA ILE A 434 8.91 9.06 -9.46
C ILE A 434 7.55 8.49 -9.61
N PHE A 435 6.93 8.73 -10.73
CA PHE A 435 5.69 8.12 -11.15
C PHE A 435 5.97 7.10 -12.25
N GLY A 436 5.06 6.16 -12.43
CA GLY A 436 5.21 5.22 -13.54
C GLY A 436 4.21 4.11 -13.51
N GLY A 437 4.06 3.43 -14.62
CA GLY A 437 3.20 2.25 -14.68
C GLY A 437 3.58 1.39 -15.88
N ARG A 438 2.64 0.53 -16.32
CA ARG A 438 2.91 -0.38 -17.44
C ARG A 438 2.39 0.26 -18.72
N ARG A 439 3.29 0.71 -19.57
CA ARG A 439 2.89 1.27 -20.86
C ARG A 439 3.68 0.51 -21.97
N PRO A 440 2.98 -0.42 -22.69
CA PRO A 440 3.73 -1.21 -23.68
C PRO A 440 4.16 -0.37 -24.89
N ALA A 441 3.49 0.74 -25.16
CA ALA A 441 3.78 1.59 -26.28
C ALA A 441 3.92 3.05 -25.87
N GLY A 442 4.73 3.79 -26.61
CA GLY A 442 4.61 5.25 -26.70
C GLY A 442 5.38 6.05 -25.65
N VAL A 443 5.53 5.50 -24.45
CA VAL A 443 6.09 6.21 -23.31
C VAL A 443 7.53 5.82 -23.08
N PRO A 444 8.46 6.78 -23.11
CA PRO A 444 9.85 6.44 -22.96
C PRO A 444 10.25 5.91 -21.57
N LEU A 445 11.41 5.32 -21.51
CA LEU A 445 11.99 4.78 -20.29
C LEU A 445 11.98 5.76 -19.08
N VAL A 446 12.35 7.00 -19.33
CA VAL A 446 12.33 8.00 -18.27
C VAL A 446 12.21 9.38 -18.87
N TYR A 447 11.45 10.25 -18.19
CA TYR A 447 11.47 11.66 -18.43
C TYR A 447 11.31 12.41 -17.10
N GLU A 448 11.59 13.67 -17.16
CA GLU A 448 11.54 14.54 -16.00
C GLU A 448 10.55 15.66 -16.25
N ALA A 449 9.68 15.95 -15.29
CA ALA A 449 8.76 17.03 -15.40
C ALA A 449 9.45 18.40 -15.47
N LEU A 450 8.77 19.34 -16.11
CA LEU A 450 9.28 20.66 -16.39
C LEU A 450 9.18 21.62 -15.19
N SER A 451 8.33 21.29 -14.22
CA SER A 451 8.01 22.14 -13.07
C SER A 451 7.25 21.27 -12.13
N TRP A 452 6.95 21.81 -10.96
CA TRP A 452 6.13 21.13 -9.97
C TRP A 452 4.76 20.92 -10.55
N GLN A 453 4.19 21.98 -11.12
CA GLN A 453 2.83 21.88 -11.68
C GLN A 453 2.74 20.82 -12.79
N HIS A 454 3.73 20.83 -13.68
CA HIS A 454 3.80 19.77 -14.71
C HIS A 454 3.89 18.38 -14.05
N GLY A 455 4.72 18.28 -13.03
CA GLY A 455 4.86 17.02 -12.36
C GLY A 455 3.56 16.54 -11.70
N VAL A 456 2.79 17.45 -11.07
CA VAL A 456 1.51 17.03 -10.52
C VAL A 456 0.59 16.52 -11.67
N PHE A 457 0.63 17.22 -12.84
CA PHE A 457 -0.14 16.77 -14.03
C PHE A 457 0.34 15.37 -14.41
N VAL A 458 1.63 15.15 -14.44
CA VAL A 458 2.18 13.82 -14.76
C VAL A 458 1.63 12.75 -13.82
N GLY A 459 1.59 13.02 -12.52
CA GLY A 459 0.92 12.09 -11.60
C GLY A 459 -0.53 11.85 -11.96
N ALA A 460 -1.22 12.97 -12.23
CA ALA A 460 -2.64 12.91 -12.57
C ALA A 460 -2.95 12.15 -13.80
N ALA A 461 -2.00 12.17 -14.75
CA ALA A 461 -2.19 11.58 -16.08
C ALA A 461 -1.75 10.13 -16.12
N MET A 462 -1.35 9.53 -15.02
CA MET A 462 -0.81 8.17 -15.02
C MET A 462 -1.83 7.18 -15.57
N ARG A 463 -1.31 6.29 -16.41
CA ARG A 463 -2.08 5.19 -16.93
C ARG A 463 -1.23 3.95 -16.90
N SER A 464 -1.90 2.80 -16.96
CA SER A 464 -1.19 1.52 -16.83
C SER A 464 -2.02 0.38 -17.37
N GLU A 465 -1.37 -0.59 -18.03
CA GLU A 465 -2.05 -1.75 -18.55
C GLU A 465 -2.60 -2.59 -17.44
N ALA A 466 -3.85 -3.00 -17.55
CA ALA A 466 -4.48 -3.81 -16.48
C ALA A 466 -3.82 -5.18 -16.39
N GLY A 474 -7.59 -9.24 -24.84
CA GLY A 474 -7.14 -7.88 -25.17
C GLY A 474 -6.73 -7.09 -23.93
N LYS A 475 -5.77 -6.21 -24.10
CA LYS A 475 -5.28 -5.43 -22.96
C LYS A 475 -5.95 -4.05 -22.91
N VAL A 476 -6.15 -3.56 -21.69
CA VAL A 476 -6.82 -2.34 -21.44
C VAL A 476 -5.80 -1.45 -20.73
N ILE A 477 -5.74 -0.19 -21.15
CA ILE A 477 -4.88 0.76 -20.49
C ILE A 477 -5.82 1.58 -19.64
N MET A 478 -5.62 1.52 -18.34
CA MET A 478 -6.50 2.15 -17.35
CA MET A 478 -6.53 2.22 -17.43
C MET A 478 -5.82 3.39 -16.78
N HIS A 479 -6.61 4.33 -16.32
CA HIS A 479 -6.11 5.44 -15.57
CA HIS A 479 -6.07 5.45 -15.57
C HIS A 479 -5.87 5.09 -14.10
N ASP A 480 -4.73 5.53 -13.53
CA ASP A 480 -4.46 5.27 -12.14
C ASP A 480 -3.68 6.45 -11.59
N PRO A 481 -4.35 7.61 -11.47
CA PRO A 481 -3.63 8.79 -11.04
C PRO A 481 -2.90 8.62 -9.68
N PHE A 482 -1.64 8.99 -9.69
CA PHE A 482 -0.74 8.91 -8.51
C PHE A 482 -0.65 7.49 -7.93
N ALA A 483 -1.07 6.50 -8.67
CA ALA A 483 -1.19 5.15 -8.18
C ALA A 483 -2.19 5.04 -7.02
N MET A 484 -3.06 6.03 -6.92
CA MET A 484 -3.99 6.16 -5.81
C MET A 484 -5.42 5.85 -6.15
N ARG A 485 -5.71 5.42 -7.37
CA ARG A 485 -7.10 5.33 -7.81
CA ARG A 485 -7.12 5.37 -7.77
C ARG A 485 -8.03 4.59 -6.80
N PRO A 486 -7.59 3.42 -6.28
CA PRO A 486 -8.45 2.73 -5.29
C PRO A 486 -8.32 3.18 -3.84
N PHE A 487 -7.57 4.24 -3.60
CA PHE A 487 -7.09 4.60 -2.28
C PHE A 487 -7.38 6.03 -1.89
N PHE A 488 -7.92 6.91 -2.72
CA PHE A 488 -8.16 8.28 -2.31
C PHE A 488 -9.10 8.34 -1.14
N GLY A 489 -8.69 9.08 -0.13
CA GLY A 489 -9.58 9.24 1.01
C GLY A 489 -10.64 10.31 0.88
N TYR A 490 -10.55 11.07 -0.20
CA TYR A 490 -11.37 12.27 -0.40
C TYR A 490 -11.27 12.66 -1.86
N ASN A 491 -11.99 13.72 -2.26
CA ASN A 491 -12.10 14.18 -3.61
C ASN A 491 -10.78 14.41 -4.31
N PHE A 492 -10.55 13.67 -5.39
CA PHE A 492 -9.27 13.76 -6.09
C PHE A 492 -8.93 15.14 -6.55
N GLY A 493 -9.96 15.89 -6.99
CA GLY A 493 -9.67 17.25 -7.43
C GLY A 493 -9.03 18.08 -6.31
N LYS A 494 -9.60 17.88 -5.12
CA LYS A 494 -9.06 18.55 -3.96
C LYS A 494 -7.69 18.03 -3.58
N TYR A 495 -7.44 16.74 -3.79
CA TYR A 495 -6.08 16.16 -3.65
C TYR A 495 -5.09 16.83 -4.62
N LEU A 496 -5.46 17.00 -5.88
CA LEU A 496 -4.61 17.75 -6.81
C LEU A 496 -4.31 19.16 -6.32
N ALA A 497 -5.33 19.87 -5.82
CA ALA A 497 -5.11 21.21 -5.33
C ALA A 497 -4.16 21.16 -4.14
N HIS A 498 -4.33 20.14 -3.32
CA HIS A 498 -3.44 20.04 -2.11
C HIS A 498 -1.98 19.89 -2.59
N TRP A 499 -1.74 18.95 -3.50
CA TRP A 499 -0.41 18.80 -4.09
C TRP A 499 0.13 20.06 -4.70
N LEU A 500 -0.68 20.76 -5.48
CA LEU A 500 -0.30 22.01 -6.13
C LEU A 500 0.08 23.08 -5.08
N SER A 501 -0.65 23.06 -3.96
CA SER A 501 -0.49 24.08 -2.92
C SER A 501 0.88 24.02 -2.29
N MET A 502 1.54 22.88 -2.45
CA MET A 502 2.87 22.75 -1.84
CA MET A 502 2.88 22.73 -1.87
C MET A 502 3.85 23.77 -2.43
N ALA A 503 3.61 24.19 -3.66
CA ALA A 503 4.51 25.18 -4.33
C ALA A 503 4.46 26.57 -3.69
N HIS A 504 3.41 26.84 -2.92
CA HIS A 504 3.20 28.17 -2.34
C HIS A 504 3.60 28.23 -0.90
N ARG A 505 4.12 27.14 -0.38
CA ARG A 505 4.78 27.20 0.91
C ARG A 505 6.11 27.92 0.74
N PRO A 506 6.28 29.11 1.37
CA PRO A 506 7.66 29.63 1.35
C PRO A 506 8.59 28.63 2.05
N ALA A 507 9.80 28.50 1.52
CA ALA A 507 10.81 27.59 2.05
C ALA A 507 10.78 26.20 1.43
N ALA A 508 9.64 25.78 0.86
CA ALA A 508 9.52 24.38 0.47
C ALA A 508 10.57 24.08 -0.57
N LYS A 509 11.25 22.95 -0.39
CA LYS A 509 12.22 22.45 -1.38
C LYS A 509 11.50 21.33 -2.15
N LEU A 510 10.95 21.68 -3.30
CA LEU A 510 10.09 20.78 -4.02
C LEU A 510 10.96 19.77 -4.71
N PRO A 511 10.65 18.49 -4.49
CA PRO A 511 11.46 17.49 -5.17
C PRO A 511 11.26 17.50 -6.68
N LYS A 512 12.29 17.06 -7.40
CA LYS A 512 12.15 16.82 -8.82
C LYS A 512 11.21 15.68 -9.02
N ILE A 513 10.38 15.77 -10.07
CA ILE A 513 9.42 14.73 -10.46
C ILE A 513 9.79 14.09 -11.81
N PHE A 514 9.77 12.76 -11.82
CA PHE A 514 10.16 11.96 -12.96
C PHE A 514 9.01 11.02 -13.24
N HIS A 515 8.99 10.50 -14.47
CA HIS A 515 8.07 9.42 -14.88
C HIS A 515 8.91 8.37 -15.57
N VAL A 516 8.70 7.13 -15.16
CA VAL A 516 9.41 5.99 -15.76
C VAL A 516 8.44 5.03 -16.41
N ASN A 517 9.04 4.19 -17.28
CA ASN A 517 8.30 3.12 -17.95
C ASN A 517 9.25 1.94 -18.12
N TRP A 518 9.15 0.95 -17.24
CA TRP A 518 9.97 -0.23 -17.37
C TRP A 518 9.41 -1.18 -18.42
N PHE A 519 8.23 -0.92 -18.92
CA PHE A 519 7.42 -1.93 -19.64
C PHE A 519 7.17 -1.74 -21.10
N ARG A 520 7.93 -0.84 -21.74
CA ARG A 520 7.75 -0.57 -23.16
C ARG A 520 8.20 -1.82 -23.91
N LYS A 521 7.41 -2.20 -24.93
CA LYS A 521 7.70 -3.40 -25.71
C LYS A 521 7.94 -3.05 -27.18
N ASP A 522 8.75 -3.84 -27.86
CA ASP A 522 8.92 -3.71 -29.29
C ASP A 522 7.75 -4.36 -30.04
N LYS A 523 7.81 -4.32 -31.38
CA LYS A 523 6.77 -4.87 -32.25
C LYS A 523 6.45 -6.35 -31.99
N ASN A 524 7.44 -7.10 -31.48
CA ASN A 524 7.26 -8.52 -31.21
C ASN A 524 6.73 -8.84 -29.83
N GLY A 525 6.52 -7.79 -29.03
CA GLY A 525 5.99 -7.96 -27.69
C GLY A 525 7.07 -8.20 -26.66
N LYS A 526 8.33 -7.98 -27.02
CA LYS A 526 9.41 -8.15 -26.08
C LYS A 526 9.75 -6.82 -25.43
N PHE A 527 10.10 -6.90 -24.15
CA PHE A 527 10.51 -5.72 -23.38
C PHE A 527 11.75 -5.10 -24.00
N LEU A 528 11.72 -3.80 -24.23
CA LEU A 528 12.86 -3.07 -24.74
C LEU A 528 13.96 -2.87 -23.70
N TRP A 529 13.58 -2.94 -22.43
CA TRP A 529 14.51 -2.60 -21.36
C TRP A 529 14.61 -3.76 -20.38
N PRO A 530 15.83 -4.14 -19.97
CA PRO A 530 15.96 -5.32 -19.08
C PRO A 530 15.41 -5.15 -17.68
N GLY A 531 15.41 -3.91 -17.21
CA GLY A 531 14.80 -3.62 -15.90
C GLY A 531 15.51 -4.26 -14.70
N PHE A 532 14.72 -4.38 -13.64
CA PHE A 532 15.21 -4.83 -12.34
C PHE A 532 16.47 -4.09 -11.86
N GLY A 533 17.56 -4.81 -11.60
CA GLY A 533 18.79 -4.13 -11.13
C GLY A 533 19.34 -3.14 -12.14
N GLU A 534 19.02 -3.30 -13.42
CA GLU A 534 19.47 -2.39 -14.46
C GLU A 534 18.75 -1.03 -14.37
N ASN A 535 17.66 -0.97 -13.59
CA ASN A 535 17.01 0.31 -13.37
C ASN A 535 17.88 1.27 -12.55
N SER A 536 18.95 0.74 -11.96
CA SER A 536 19.94 1.55 -11.29
C SER A 536 20.54 2.60 -12.26
N ARG A 537 20.56 2.33 -13.56
CA ARG A 537 21.09 3.26 -14.53
C ARG A 537 20.13 4.44 -14.70
N VAL A 538 18.83 4.17 -14.60
CA VAL A 538 17.85 5.25 -14.63
C VAL A 538 17.94 6.10 -13.35
N LEU A 539 18.05 5.44 -12.21
CA LEU A 539 18.26 6.15 -10.95
C LEU A 539 19.52 7.05 -10.95
N GLU A 540 20.58 6.57 -11.61
CA GLU A 540 21.82 7.36 -11.70
C GLU A 540 21.51 8.65 -12.44
N TRP A 541 20.75 8.58 -13.53
CA TRP A 541 20.44 9.76 -14.30
C TRP A 541 19.61 10.75 -13.46
N MET A 542 18.63 10.22 -12.74
CA MET A 542 17.79 11.04 -11.87
C MET A 542 18.67 11.75 -10.81
N PHE A 543 19.58 10.98 -10.24
CA PHE A 543 20.46 11.49 -9.19
C PHE A 543 21.23 12.69 -9.70
N GLY A 544 21.88 12.54 -10.86
CA GLY A 544 22.59 13.63 -11.45
C GLY A 544 21.71 14.82 -11.75
N ARG A 545 20.48 14.58 -12.25
CA ARG A 545 19.56 15.67 -12.50
CA ARG A 545 19.55 15.68 -12.51
C ARG A 545 19.23 16.47 -11.26
N ILE A 546 19.03 15.76 -10.14
CA ILE A 546 18.77 16.43 -8.87
C ILE A 546 19.98 17.29 -8.47
N GLU A 547 21.18 16.81 -8.77
CA GLU A 547 22.40 17.57 -8.47
C GLU A 547 22.63 18.74 -9.45
N GLY A 548 21.83 18.84 -10.50
CA GLY A 548 21.92 19.95 -11.41
C GLY A 548 22.69 19.66 -12.66
N GLU A 549 23.00 18.39 -12.93
CA GLU A 549 23.79 18.06 -14.12
C GLU A 549 23.10 18.41 -15.41
N ASP A 550 23.94 18.72 -16.40
CA ASP A 550 23.51 19.14 -17.72
C ASP A 550 23.37 17.89 -18.61
N SER A 551 22.47 16.99 -18.21
CA SER A 551 22.39 15.67 -18.79
C SER A 551 21.04 15.42 -19.46
N ALA A 552 20.27 16.49 -19.69
CA ALA A 552 18.92 16.42 -20.22
C ALA A 552 18.77 17.15 -21.55
N LYS A 553 17.82 16.68 -22.37
CA LYS A 553 17.37 17.42 -23.53
C LYS A 553 15.85 17.55 -23.46
N LEU A 554 15.34 18.71 -23.87
CA LEU A 554 13.95 18.99 -23.87
C LEU A 554 13.22 18.25 -24.97
N THR A 555 12.06 17.72 -24.63
CA THR A 555 11.10 17.17 -25.56
C THR A 555 9.70 17.69 -25.23
N PRO A 556 8.70 17.41 -26.08
CA PRO A 556 7.36 17.83 -25.76
C PRO A 556 6.76 17.26 -24.47
N ILE A 557 7.26 16.13 -23.97
CA ILE A 557 6.70 15.54 -22.76
C ILE A 557 7.48 15.89 -21.47
N GLY A 558 8.61 16.56 -21.62
CA GLY A 558 9.54 16.86 -20.52
C GLY A 558 10.96 16.60 -20.89
N TYR A 559 11.87 16.59 -19.93
CA TYR A 559 13.25 16.32 -20.25
C TYR A 559 13.51 14.85 -20.29
N VAL A 560 14.37 14.41 -21.22
CA VAL A 560 14.86 13.06 -21.30
C VAL A 560 16.38 13.08 -21.26
N PRO A 561 17.03 11.94 -21.08
CA PRO A 561 18.48 11.93 -21.11
C PRO A 561 18.99 12.31 -22.49
N LYS A 562 19.97 13.20 -22.49
CA LYS A 562 20.85 13.39 -23.67
C LYS A 562 21.38 12.11 -24.23
N GLU A 563 21.79 12.16 -25.51
CA GLU A 563 22.51 11.02 -26.05
C GLU A 563 23.79 10.89 -25.23
N ASP A 564 24.10 9.65 -24.89
CA ASP A 564 25.25 9.27 -24.09
C ASP A 564 25.12 9.55 -22.59
N ALA A 565 24.04 10.18 -22.15
CA ALA A 565 23.93 10.54 -20.74
C ALA A 565 23.66 9.31 -19.87
N LEU A 566 22.84 8.41 -20.37
CA LEU A 566 22.54 7.17 -19.65
C LEU A 566 23.71 6.20 -19.75
N ASN A 567 24.14 5.59 -18.63
CA ASN A 567 25.15 4.55 -18.65
C ASN A 567 24.58 3.25 -19.18
N LEU A 568 24.98 2.92 -20.39
CA LEU A 568 24.50 1.74 -21.09
C LEU A 568 25.62 0.71 -21.28
N LYS A 569 26.67 0.79 -20.47
CA LYS A 569 27.78 -0.16 -20.52
C LYS A 569 27.27 -1.52 -20.06
N GLY A 570 27.30 -2.50 -20.96
CA GLY A 570 26.63 -3.78 -20.77
C GLY A 570 25.48 -3.91 -21.77
N LEU A 571 24.94 -2.78 -22.23
CA LEU A 571 23.65 -2.80 -22.89
C LEU A 571 23.61 -2.36 -24.35
N GLY A 572 24.66 -2.67 -25.12
CA GLY A 572 24.69 -2.34 -26.56
C GLY A 572 23.62 -3.06 -27.32
N ASP A 573 23.18 -4.17 -26.73
CA ASP A 573 21.97 -4.88 -27.13
C ASP A 573 20.72 -3.98 -27.09
N VAL A 574 20.70 -2.95 -26.23
CA VAL A 574 19.52 -2.08 -26.03
C VAL A 574 19.32 -0.97 -27.08
N ASN A 575 18.08 -0.90 -27.56
CA ASN A 575 17.66 -0.01 -28.62
C ASN A 575 17.16 1.32 -28.05
N VAL A 576 18.07 2.26 -27.84
CA VAL A 576 17.74 3.54 -27.20
C VAL A 576 16.71 4.28 -28.07
N GLU A 577 16.87 4.13 -29.39
CA GLU A 577 15.99 4.74 -30.35
C GLU A 577 14.53 4.40 -30.13
N GLU A 578 14.17 3.11 -30.13
CA GLU A 578 12.76 2.75 -29.93
C GLU A 578 12.35 3.02 -28.47
N LEU A 579 13.29 2.78 -27.55
CA LEU A 579 13.00 2.91 -26.12
C LEU A 579 12.69 4.34 -25.74
N PHE A 580 13.39 5.31 -26.33
CA PHE A 580 13.14 6.73 -26.04
C PHE A 580 12.37 7.48 -27.08
N GLY A 581 11.87 6.77 -28.06
CA GLY A 581 11.03 7.37 -29.10
C GLY A 581 9.77 8.05 -28.63
N ILE A 582 9.50 9.22 -29.21
CA ILE A 582 8.30 10.00 -28.94
C ILE A 582 7.58 10.28 -30.25
N SER A 583 6.41 9.71 -30.44
CA SER A 583 5.64 9.84 -31.68
C SER A 583 4.56 10.89 -31.49
N LYS A 584 4.48 11.83 -32.43
CA LYS A 584 3.41 12.80 -32.41
C LYS A 584 2.05 12.17 -32.38
N GLU A 585 1.87 11.11 -33.15
CA GLU A 585 0.60 10.47 -33.30
C GLU A 585 0.18 9.81 -32.00
N PHE A 586 1.12 9.13 -31.35
CA PHE A 586 0.82 8.51 -30.04
C PHE A 586 0.40 9.58 -29.03
N TRP A 587 1.19 10.66 -28.98
CA TRP A 587 1.00 11.67 -27.95
C TRP A 587 -0.21 12.54 -28.20
N GLU A 588 -0.59 12.75 -29.47
CA GLU A 588 -1.88 13.38 -29.77
C GLU A 588 -3.04 12.58 -29.21
N LYS A 589 -2.99 11.26 -29.38
CA LYS A 589 -4.01 10.41 -28.84
C LYS A 589 -3.94 10.44 -27.31
N GLU A 590 -2.71 10.45 -26.78
CA GLU A 590 -2.52 10.40 -25.31
C GLU A 590 -3.17 11.61 -24.68
N VAL A 591 -2.86 12.79 -25.20
CA VAL A 591 -3.42 14.01 -24.60
C VAL A 591 -4.91 14.05 -24.70
N GLU A 592 -5.47 13.61 -25.82
CA GLU A 592 -6.91 13.50 -25.88
C GLU A 592 -7.52 12.61 -24.83
N GLU A 593 -6.93 11.43 -24.58
CA GLU A 593 -7.48 10.54 -23.54
C GLU A 593 -7.35 11.16 -22.15
N ILE A 594 -6.22 11.78 -21.85
CA ILE A 594 -6.06 12.43 -20.56
C ILE A 594 -7.12 13.55 -20.43
N ASP A 595 -7.32 14.32 -21.50
CA ASP A 595 -8.30 15.42 -21.49
C ASP A 595 -9.67 14.86 -21.15
N LYS A 596 -10.11 13.86 -21.91
CA LYS A 596 -11.41 13.29 -21.69
C LYS A 596 -11.59 12.75 -20.29
N TYR A 597 -10.53 12.11 -19.78
CA TYR A 597 -10.57 11.52 -18.45
C TYR A 597 -10.72 12.59 -17.34
N LEU A 598 -9.86 13.60 -17.42
CA LEU A 598 -9.85 14.62 -16.36
C LEU A 598 -11.15 15.45 -16.40
N GLU A 599 -11.61 15.74 -17.61
CA GLU A 599 -12.88 16.50 -17.78
C GLU A 599 -14.04 15.72 -17.16
N ASP A 600 -14.16 14.43 -17.49
CA ASP A 600 -15.26 13.65 -16.91
C ASP A 600 -15.07 13.42 -15.42
N GLN A 601 -13.92 12.84 -15.05
CA GLN A 601 -13.78 12.29 -13.70
C GLN A 601 -13.46 13.36 -12.62
N VAL A 602 -12.89 14.47 -13.03
CA VAL A 602 -12.54 15.51 -12.03
C VAL A 602 -13.44 16.72 -12.22
N ASN A 603 -13.80 17.03 -13.46
CA ASN A 603 -14.91 17.93 -13.78
C ASN A 603 -14.77 19.27 -13.04
N ALA A 604 -15.69 19.66 -12.16
CA ALA A 604 -15.71 21.01 -11.60
C ALA A 604 -14.59 21.19 -10.59
N ASP A 605 -13.99 20.10 -10.15
CA ASP A 605 -12.92 20.21 -9.14
C ASP A 605 -11.52 20.12 -9.74
N LEU A 606 -11.39 20.17 -11.04
CA LEU A 606 -10.08 20.13 -11.67
C LEU A 606 -9.37 21.46 -11.52
N PRO A 607 -8.22 21.47 -10.84
CA PRO A 607 -7.59 22.77 -10.68
C PRO A 607 -7.15 23.40 -12.01
N TYR A 608 -7.20 24.74 -12.06
CA TYR A 608 -6.72 25.50 -13.18
C TYR A 608 -5.35 25.11 -13.66
N GLU A 609 -4.43 24.88 -12.72
CA GLU A 609 -3.07 24.57 -13.07
CA GLU A 609 -3.08 24.60 -13.11
C GLU A 609 -2.97 23.28 -13.84
N ILE A 610 -3.83 22.33 -13.51
CA ILE A 610 -3.82 21.01 -14.18
C ILE A 610 -4.40 21.14 -15.61
N GLU A 611 -5.49 21.88 -15.76
CA GLU A 611 -6.02 22.20 -17.09
C GLU A 611 -4.96 22.93 -17.92
N ARG A 612 -4.22 23.84 -17.30
CA ARG A 612 -3.20 24.58 -18.00
C ARG A 612 -2.10 23.65 -18.52
N GLU A 613 -1.65 22.73 -17.66
CA GLU A 613 -0.63 21.78 -18.08
C GLU A 613 -1.13 20.90 -19.24
N LEU A 614 -2.40 20.51 -19.21
CA LEU A 614 -2.99 19.76 -20.31
C LEU A 614 -2.89 20.59 -21.59
N ARG A 615 -3.33 21.82 -21.56
CA ARG A 615 -3.21 22.74 -22.70
C ARG A 615 -1.77 22.85 -23.18
N ALA A 616 -0.83 23.04 -22.25
CA ALA A 616 0.53 23.19 -22.63
C ALA A 616 1.12 21.97 -23.30
N LEU A 617 0.78 20.78 -22.81
CA LEU A 617 1.28 19.57 -23.40
C LEU A 617 0.70 19.43 -24.81
N LYS A 618 -0.60 19.68 -24.93
CA LYS A 618 -1.25 19.65 -26.25
CA LYS A 618 -1.25 19.65 -26.25
C LYS A 618 -0.50 20.56 -27.22
N GLN A 619 -0.18 21.77 -26.77
CA GLN A 619 0.51 22.72 -27.62
C GLN A 619 1.90 22.26 -28.00
N ARG A 620 2.68 21.72 -27.04
CA ARG A 620 3.99 21.25 -27.38
C ARG A 620 3.92 20.10 -28.39
N ILE A 621 2.99 19.20 -28.20
CA ILE A 621 2.84 18.12 -29.17
CA ILE A 621 2.75 18.09 -29.15
C ILE A 621 2.42 18.68 -30.54
N SER A 622 1.60 19.72 -30.54
CA SER A 622 1.14 20.26 -31.85
C SER A 622 2.29 20.82 -32.68
N GLN A 623 3.36 21.24 -32.03
CA GLN A 623 4.49 21.83 -32.71
C GLN A 623 5.52 20.81 -33.20
N MET A 624 5.29 19.52 -32.95
CA MET A 624 6.12 18.46 -33.48
C MET A 624 5.87 18.35 -34.98
PG GTP B . 1.57 -3.77 -4.57
O1G GTP B . 1.31 -2.27 -4.33
O2G GTP B . 0.35 -4.53 -4.96
O3G GTP B . 2.38 -4.46 -3.55
O3B GTP B . 2.43 -3.91 -5.98
PB GTP B . 3.92 -3.55 -6.41
O1B GTP B . 4.88 -3.73 -5.29
O2B GTP B . 3.98 -2.24 -7.03
O3A GTP B . 4.15 -4.59 -7.64
PA GTP B . 4.35 -6.16 -7.63
O1A GTP B . 5.12 -6.60 -6.47
O2A GTP B . 3.09 -6.85 -8.08
O5' GTP B . 5.30 -6.11 -8.91
C5' GTP B . 5.84 -7.30 -9.52
C4' GTP B . 5.58 -7.26 -11.03
O4' GTP B . 6.29 -6.17 -11.62
C3' GTP B . 6.07 -8.53 -11.69
O3' GTP B . 5.23 -8.77 -12.84
C2' GTP B . 7.43 -8.11 -12.13
O2' GTP B . 8.03 -8.93 -13.14
C1' GTP B . 7.20 -6.72 -12.60
N9 GTP B . 8.40 -5.88 -12.61
C8 GTP B . 9.00 -5.26 -11.57
N7 GTP B . 10.04 -4.51 -11.95
C5 GTP B . 10.17 -4.69 -13.27
C6 GTP B . 11.10 -4.26 -14.25
O6 GTP B . 12.02 -3.53 -13.96
N1 GTP B . 10.87 -4.69 -15.50
C2 GTP B . 9.87 -5.52 -15.81
N2 GTP B . 9.73 -5.91 -17.11
N3 GTP B . 8.95 -6.01 -14.97
C4 GTP B . 9.13 -5.60 -13.68
MN MN C . 0.24 -1.39 -2.74
MN MN D . -0.10 27.47 -8.30
NA NA E . -6.72 -22.33 5.38
MN MN F . 4.50 -4.36 -3.23
O10 1WD G . -1.48 -2.04 -3.78
C8 1WD G . -2.19 -3.02 -3.29
O9 1WD G . -3.19 -3.66 -3.85
C3 1WD G . -1.61 -3.70 -2.08
N4 1WD G . -0.34 -3.38 -1.85
C5 1WD G . 0.42 -3.88 -0.89
C6 1WD G . -0.15 -4.84 -0.07
C1 1WD G . -1.47 -5.19 -0.24
C2 1WD G . -2.23 -4.61 -1.23
S7 1WD G . -3.93 -5.03 -1.27
C MOH H . 3.72 17.87 2.53
O MOH H . 3.86 18.77 3.60
OH2 1PE I . -19.40 -12.39 31.97
C12 1PE I . -19.95 -11.11 32.30
C22 1PE I . -19.51 -10.10 31.25
OH3 1PE I . -20.26 -10.31 30.04
C13 1PE I . -22.19 -9.79 28.71
C23 1PE I . -21.15 -9.25 29.69
OH4 1PE I . -21.58 -10.69 27.80
#